data_4XZA
#
_entry.id   4XZA
#
_cell.length_a   46.078
_cell.length_b   104.286
_cell.length_c   70.538
_cell.angle_alpha   90.00
_cell.angle_beta   92.38
_cell.angle_gamma   90.00
#
_symmetry.space_group_name_H-M   'P 1 21 1'
#
loop_
_entity.id
_entity.type
_entity.pdbx_description
1 polymer Nucleoprotein
2 water water
#
_entity_poly.entity_id   1
_entity_poly.type   'polypeptide(L)'
_entity_poly.pdbx_seq_one_letter_code
;MENLIDFSGRDGLDRWLRATFPDVILSVGLTNYGSLMTSVPDLSHFEQMARQAKSEQEKDAVYSKALTEATRKAAPIAAC
ALTSSKEMVKKGLQWFEDQIISEDGNFLVWHQNYEQLKKAPPSFEQLMGYQMSALNWRQSVGYGQLEETAVLVSQVIAQF
SVPGTLVVTVQEMIKDMIARRGGGPKRGVSEEHVRCCVDIMNGNLSALINPAWGDIDKKNKNGLMLLTTGIAKLRELYGP
AAMVKVQQAADKFGEWGKAQDVLDQSRVQEIHQVLLKSIAESTSLGGGAAVFKNQIAQIDSVFSSYYWMWRAGITPESFP
LLSDFLFELGQNARGSAKIIKTLDRIGLKWSKPLVNLFADSTFKMGRIHMHPAILTTGRLNEMGLCFGIIPASHPESAVN
GSGFAKNILNVRTDGMNPSAQLIVQLFDIQRQSRTLSDLDVVSSEHLFHQILVGKRTAYQNAFQVKGNATDTKIVGFDPP
KI
;
_entity_poly.pdbx_strand_id   A,B
#
# COMPACT_ATOMS: atom_id res chain seq x y z
N MET A 1 -11.52 -24.33 32.40
CA MET A 1 -12.20 -25.58 32.72
C MET A 1 -13.13 -26.00 31.60
N GLU A 2 -14.36 -25.50 31.68
CA GLU A 2 -15.40 -25.90 30.76
C GLU A 2 -15.91 -24.70 29.98
N ASN A 3 -16.43 -24.98 28.78
CA ASN A 3 -17.12 -23.96 28.01
C ASN A 3 -18.61 -23.93 28.36
N LEU A 4 -19.04 -22.89 29.06
CA LEU A 4 -20.42 -22.79 29.54
C LEU A 4 -21.33 -22.08 28.56
N ILE A 5 -20.77 -21.71 27.40
CA ILE A 5 -21.59 -21.19 26.32
C ILE A 5 -22.05 -22.38 25.49
N ASP A 6 -23.20 -22.95 25.85
CA ASP A 6 -23.67 -24.17 25.19
C ASP A 6 -25.18 -24.18 25.07
N PHE A 7 -25.66 -24.19 23.84
CA PHE A 7 -27.09 -24.21 23.61
C PHE A 7 -27.43 -25.00 22.35
N SER A 8 -28.41 -25.89 22.48
CA SER A 8 -28.92 -26.67 21.36
C SER A 8 -30.38 -26.28 21.11
N ASP A 11 -34.14 -22.46 19.09
CA ASP A 11 -34.30 -21.26 19.90
C ASP A 11 -33.38 -21.34 21.12
N GLY A 12 -32.38 -22.19 21.04
CA GLY A 12 -31.43 -22.42 22.11
C GLY A 12 -30.64 -21.18 22.46
N LEU A 13 -30.29 -20.41 21.45
CA LEU A 13 -29.54 -19.17 21.67
C LEU A 13 -30.31 -18.22 22.59
N ASP A 14 -31.51 -17.83 22.18
CA ASP A 14 -32.28 -16.85 22.96
C ASP A 14 -32.54 -17.33 24.38
N ARG A 15 -32.76 -18.63 24.54
CA ARG A 15 -33.03 -19.17 25.86
C ARG A 15 -31.78 -19.15 26.74
N TRP A 16 -30.62 -19.39 26.13
CA TRP A 16 -29.36 -19.34 26.87
C TRP A 16 -29.07 -17.91 27.32
N LEU A 17 -29.37 -16.94 26.46
CA LEU A 17 -29.18 -15.54 26.83
C LEU A 17 -30.09 -15.14 27.99
N ARG A 18 -31.32 -15.64 27.98
CA ARG A 18 -32.25 -15.31 29.05
C ARG A 18 -31.87 -16.02 30.36
N ALA A 19 -31.30 -17.22 30.25
CA ALA A 19 -30.88 -17.95 31.45
C ALA A 19 -29.60 -17.38 32.03
N THR A 20 -28.68 -16.99 31.14
CA THR A 20 -27.36 -16.53 31.57
C THR A 20 -27.36 -15.08 31.99
N PHE A 21 -28.23 -14.28 31.36
CA PHE A 21 -28.31 -12.84 31.64
C PHE A 21 -29.73 -12.40 31.96
N PRO A 22 -30.34 -12.97 33.01
CA PRO A 22 -31.75 -12.78 33.33
C PRO A 22 -32.17 -11.32 33.44
N ASP A 23 -31.30 -10.50 33.99
CA ASP A 23 -31.64 -9.12 34.30
C ASP A 23 -31.30 -8.11 33.22
N VAL A 24 -30.43 -8.47 32.28
CA VAL A 24 -29.99 -7.45 31.34
C VAL A 24 -30.92 -7.33 30.15
N ILE A 25 -31.12 -6.09 29.74
CA ILE A 25 -31.85 -5.75 28.54
C ILE A 25 -30.85 -5.44 27.44
N LEU A 26 -30.87 -6.23 26.36
CA LEU A 26 -30.01 -5.92 25.23
C LEU A 26 -30.68 -4.79 24.45
N SER A 27 -29.89 -3.81 24.04
CA SER A 27 -30.48 -2.64 23.40
C SER A 27 -29.98 -2.50 21.97
N VAL A 28 -30.81 -1.89 21.13
CA VAL A 28 -30.38 -1.49 19.79
C VAL A 28 -30.62 0.01 19.59
N GLY A 29 -30.67 0.77 20.68
CA GLY A 29 -30.81 2.21 20.57
C GLY A 29 -29.59 2.84 19.91
N LEU A 30 -28.40 2.29 20.20
CA LEU A 30 -27.16 2.83 19.67
C LEU A 30 -26.33 1.81 18.88
N THR A 31 -26.79 0.56 18.85
CA THR A 31 -26.09 -0.50 18.13
C THR A 31 -27.03 -1.21 17.15
N ASN A 32 -26.47 -1.85 16.13
CA ASN A 32 -27.29 -2.48 15.10
C ASN A 32 -28.02 -3.70 15.63
N TYR A 33 -27.34 -4.44 16.51
CA TYR A 33 -27.87 -5.64 17.14
C TYR A 33 -27.68 -5.53 18.64
N GLY A 34 -28.46 -6.29 19.39
CA GLY A 34 -28.56 -6.12 20.83
C GLY A 34 -27.25 -6.10 21.58
N SER A 35 -27.03 -5.04 22.34
CA SER A 35 -25.78 -4.88 23.06
C SER A 35 -26.02 -4.30 24.44
N LEU A 36 -24.94 -4.22 25.21
CA LEU A 36 -25.00 -3.62 26.54
C LEU A 36 -24.86 -2.11 26.49
N MET A 37 -24.76 -1.54 25.29
CA MET A 37 -24.45 -0.12 25.12
C MET A 37 -25.69 0.77 25.27
N THR A 38 -25.71 1.66 26.26
CA THR A 38 -26.88 2.52 26.44
C THR A 38 -26.56 4.02 26.31
N SER A 39 -25.28 4.35 26.14
CA SER A 39 -24.89 5.73 25.91
C SER A 39 -23.62 5.77 25.08
N VAL A 40 -23.32 6.91 24.48
CA VAL A 40 -22.12 7.06 23.67
C VAL A 40 -20.97 7.56 24.52
N PRO A 41 -19.88 6.79 24.59
CA PRO A 41 -18.75 7.19 25.43
C PRO A 41 -18.19 8.54 25.02
N ASP A 42 -17.86 9.39 25.99
CA ASP A 42 -17.20 10.64 25.71
C ASP A 42 -15.70 10.45 25.92
N LEU A 43 -14.94 10.62 24.86
CA LEU A 43 -13.50 10.34 24.90
C LEU A 43 -12.69 11.62 25.06
N SER A 44 -13.35 12.72 25.40
CA SER A 44 -12.72 14.03 25.41
C SER A 44 -11.51 14.11 26.34
N HIS A 45 -11.56 13.41 27.46
CA HIS A 45 -10.43 13.45 28.39
C HIS A 45 -9.16 12.85 27.80
N PHE A 46 -9.28 12.09 26.72
CA PHE A 46 -8.11 11.48 26.10
C PHE A 46 -7.29 12.46 25.24
N GLU A 47 -7.86 13.60 24.89
CA GLU A 47 -7.12 14.58 24.07
C GLU A 47 -5.84 15.06 24.74
N GLN A 48 -6.00 15.59 25.96
CA GLN A 48 -4.88 16.11 26.71
C GLN A 48 -3.79 15.06 26.83
N MET A 49 -4.18 13.86 27.28
CA MET A 49 -3.24 12.76 27.41
C MET A 49 -2.50 12.46 26.11
N ALA A 50 -3.21 12.57 24.98
CA ALA A 50 -2.62 12.28 23.68
C ALA A 50 -1.55 13.31 23.31
N ARG A 51 -1.91 14.58 23.46
CA ARG A 51 -1.00 15.68 23.16
C ARG A 51 0.26 15.65 24.04
N GLN A 52 0.09 15.43 25.33
CA GLN A 52 1.23 15.44 26.25
C GLN A 52 1.80 14.05 26.49
N ALA A 53 1.53 13.12 25.57
CA ALA A 53 2.22 11.85 25.54
C ALA A 53 3.55 12.06 24.81
N LYS A 54 4.60 11.38 25.23
CA LYS A 54 5.93 11.70 24.71
C LYS A 54 6.63 10.53 24.02
N SER A 55 6.72 9.38 24.67
CA SER A 55 7.32 8.21 24.03
C SER A 55 6.30 7.50 23.14
N GLU A 56 6.78 6.71 22.19
CA GLU A 56 5.89 5.98 21.28
C GLU A 56 4.96 5.07 22.08
N GLN A 57 5.50 4.41 23.10
CA GLN A 57 4.69 3.51 23.93
C GLN A 57 3.60 4.28 24.68
N GLU A 58 3.91 5.47 25.15
CA GLU A 58 2.93 6.34 25.79
C GLU A 58 1.84 6.78 24.82
N LYS A 59 2.27 7.17 23.62
CA LYS A 59 1.33 7.64 22.61
C LYS A 59 0.36 6.54 22.20
N ASP A 60 0.89 5.35 21.91
CA ASP A 60 0.07 4.22 21.55
C ASP A 60 -0.89 3.82 22.68
N ALA A 61 -0.44 3.96 23.92
CA ALA A 61 -1.27 3.60 25.06
C ALA A 61 -2.48 4.52 25.17
N VAL A 62 -2.31 5.80 24.86
CA VAL A 62 -3.46 6.70 24.97
C VAL A 62 -4.54 6.31 23.96
N TYR A 63 -4.13 6.07 22.73
CA TYR A 63 -5.08 5.65 21.71
C TYR A 63 -5.73 4.31 22.07
N SER A 64 -4.91 3.36 22.53
CA SER A 64 -5.44 2.04 22.86
C SER A 64 -6.44 2.11 24.01
N LYS A 65 -6.15 2.95 25.00
CA LYS A 65 -7.08 3.13 26.12
C LYS A 65 -8.39 3.77 25.65
N ALA A 66 -8.28 4.76 24.77
CA ALA A 66 -9.49 5.38 24.21
C ALA A 66 -10.31 4.35 23.43
N LEU A 67 -9.62 3.49 22.70
CA LEU A 67 -10.28 2.47 21.90
C LEU A 67 -11.06 1.48 22.78
N THR A 68 -10.42 1.04 23.85
CA THR A 68 -11.06 0.14 24.81
C THR A 68 -12.31 0.79 25.39
N GLU A 69 -12.21 2.07 25.73
CA GLU A 69 -13.34 2.76 26.34
C GLU A 69 -14.46 2.94 25.33
N ALA A 70 -14.10 3.29 24.10
CA ALA A 70 -15.09 3.50 23.05
C ALA A 70 -15.90 2.24 22.77
N THR A 71 -15.26 1.08 22.89
CA THR A 71 -15.88 -0.16 22.41
C THR A 71 -16.34 -1.07 23.53
N ARG A 72 -16.14 -0.64 24.78
CA ARG A 72 -16.38 -1.51 25.94
C ARG A 72 -17.76 -2.16 25.97
N LYS A 73 -18.79 -1.46 25.49
CA LYS A 73 -20.14 -2.02 25.58
C LYS A 73 -20.80 -2.28 24.23
N ALA A 74 -20.05 -2.14 23.15
CA ALA A 74 -20.69 -2.11 21.82
C ALA A 74 -20.89 -3.48 21.16
N ALA A 75 -20.30 -4.54 21.70
CA ALA A 75 -20.40 -5.84 20.99
C ALA A 75 -21.82 -6.43 20.94
N PRO A 76 -22.18 -7.02 19.79
CA PRO A 76 -23.47 -7.70 19.66
C PRO A 76 -23.44 -9.05 20.39
N ILE A 77 -24.12 -9.12 21.53
CA ILE A 77 -23.95 -10.24 22.45
C ILE A 77 -24.36 -11.60 21.86
N ALA A 78 -25.51 -11.67 21.20
CA ALA A 78 -25.96 -12.93 20.60
C ALA A 78 -24.93 -13.49 19.63
N ALA A 79 -24.41 -12.64 18.75
CA ALA A 79 -23.42 -13.08 17.77
C ALA A 79 -22.19 -13.65 18.45
N CYS A 80 -21.80 -13.04 19.56
CA CYS A 80 -20.62 -13.49 20.29
C CYS A 80 -20.85 -14.85 20.91
N ALA A 81 -22.01 -15.02 21.52
CA ALA A 81 -22.39 -16.31 22.08
C ALA A 81 -22.37 -17.41 21.02
N LEU A 82 -22.92 -17.12 19.84
CA LEU A 82 -22.90 -18.10 18.75
C LEU A 82 -21.47 -18.51 18.41
N THR A 83 -20.61 -17.50 18.28
CA THR A 83 -19.24 -17.69 17.79
C THR A 83 -18.39 -18.50 18.77
N SER A 84 -18.69 -18.39 20.06
CA SER A 84 -17.92 -19.08 21.08
C SER A 84 -18.67 -20.29 21.65
N SER A 85 -19.83 -20.60 21.09
CA SER A 85 -20.62 -21.73 21.56
C SER A 85 -19.88 -23.05 21.34
N LYS A 86 -20.11 -24.02 22.23
CA LYS A 86 -19.44 -25.32 22.12
C LYS A 86 -19.64 -25.93 20.76
N GLU A 87 -20.86 -25.85 20.25
CA GLU A 87 -21.20 -26.49 18.98
C GLU A 87 -20.44 -25.87 17.82
N MET A 88 -20.33 -24.54 17.81
CA MET A 88 -19.66 -23.83 16.72
C MET A 88 -18.15 -23.99 16.84
N VAL A 89 -17.63 -23.91 18.06
CA VAL A 89 -16.20 -24.10 18.26
C VAL A 89 -15.76 -25.47 17.74
N LYS A 90 -16.56 -26.50 17.98
CA LYS A 90 -16.19 -27.85 17.57
C LYS A 90 -16.17 -28.00 16.05
N LYS A 91 -17.24 -27.57 15.37
CA LYS A 91 -17.27 -27.76 13.92
C LYS A 91 -16.40 -26.75 13.19
N GLY A 92 -16.21 -25.58 13.80
CA GLY A 92 -15.33 -24.56 13.24
C GLY A 92 -13.88 -25.01 13.23
N LEU A 93 -13.44 -25.72 14.27
CA LEU A 93 -12.09 -26.25 14.28
C LEU A 93 -11.96 -27.47 13.38
N GLN A 94 -13.00 -28.31 13.35
CA GLN A 94 -13.00 -29.53 12.55
C GLN A 94 -12.82 -29.25 11.06
N TRP A 95 -13.36 -28.13 10.59
CA TRP A 95 -13.21 -27.77 9.19
C TRP A 95 -11.74 -27.75 8.76
N PHE A 96 -10.87 -27.20 9.60
CA PHE A 96 -9.45 -27.13 9.25
C PHE A 96 -8.82 -28.52 9.29
N GLU A 97 -9.31 -29.35 10.20
CA GLU A 97 -8.83 -30.73 10.30
C GLU A 97 -9.18 -31.49 9.04
N ASP A 98 -10.37 -31.25 8.50
CA ASP A 98 -10.79 -31.89 7.26
C ASP A 98 -10.02 -31.32 6.06
N GLN A 99 -9.83 -30.01 6.05
CA GLN A 99 -9.17 -29.40 4.90
C GLN A 99 -7.69 -29.73 4.80
N ILE A 100 -7.01 -29.87 5.94
CA ILE A 100 -5.56 -30.07 5.90
C ILE A 100 -5.20 -31.43 5.28
N ILE A 101 -6.18 -32.34 5.22
CA ILE A 101 -5.94 -33.60 4.54
C ILE A 101 -6.75 -33.71 3.25
N SER A 102 -7.23 -32.59 2.72
CA SER A 102 -8.15 -32.61 1.58
C SER A 102 -7.60 -32.11 0.24
N GLU A 103 -6.38 -31.59 0.25
CA GLU A 103 -5.75 -31.06 -0.97
C GLU A 103 -6.55 -29.95 -1.68
N ASP A 104 -7.34 -29.18 -0.92
CA ASP A 104 -8.00 -27.99 -1.47
C ASP A 104 -6.97 -26.86 -1.64
N GLY A 105 -6.62 -26.57 -2.88
CA GLY A 105 -5.60 -25.57 -3.15
C GLY A 105 -5.92 -24.17 -2.64
N ASN A 106 -7.20 -23.83 -2.59
CA ASN A 106 -7.58 -22.50 -2.11
C ASN A 106 -7.28 -22.29 -0.63
N PHE A 107 -7.25 -23.38 0.13
CA PHE A 107 -6.78 -23.34 1.51
C PHE A 107 -5.26 -23.44 1.59
N LEU A 108 -4.69 -24.45 0.93
CA LEU A 108 -3.26 -24.72 1.06
C LEU A 108 -2.34 -23.63 0.51
N VAL A 109 -2.75 -22.94 -0.55
CA VAL A 109 -1.84 -22.01 -1.21
C VAL A 109 -1.35 -20.91 -0.25
N TRP A 110 -2.16 -20.55 0.75
CA TRP A 110 -1.67 -19.62 1.77
C TRP A 110 -1.25 -20.36 3.04
N HIS A 111 -2.05 -21.32 3.50
CA HIS A 111 -1.69 -22.04 4.73
C HIS A 111 -0.29 -22.67 4.67
N GLN A 112 0.04 -23.32 3.57
CA GLN A 112 1.34 -23.98 3.45
C GLN A 112 2.50 -23.00 3.37
N ASN A 113 2.19 -21.74 3.11
CA ASN A 113 3.24 -20.73 2.98
C ASN A 113 3.20 -19.70 4.10
N TYR A 114 2.65 -20.09 5.24
CA TYR A 114 2.48 -19.15 6.34
C TYR A 114 3.81 -18.51 6.75
N GLU A 115 4.88 -19.31 6.79
CA GLU A 115 6.18 -18.78 7.20
C GLU A 115 6.65 -17.71 6.23
N GLN A 116 6.50 -18.00 4.93
CA GLN A 116 6.89 -17.04 3.90
C GLN A 116 6.04 -15.78 3.98
N LEU A 117 4.78 -15.94 4.36
CA LEU A 117 3.86 -14.81 4.44
C LEU A 117 4.07 -13.97 5.70
N LYS A 118 4.87 -14.48 6.63
CA LYS A 118 5.26 -13.69 7.80
C LYS A 118 6.27 -12.63 7.40
N LYS A 119 6.83 -12.76 6.20
CA LYS A 119 7.90 -11.86 5.74
C LYS A 119 7.54 -11.08 4.48
N ALA A 120 6.67 -11.66 3.66
CA ALA A 120 6.42 -11.14 2.32
C ALA A 120 4.95 -10.98 2.05
N PRO A 121 4.60 -10.01 1.19
CA PRO A 121 3.22 -9.81 0.74
C PRO A 121 2.75 -11.02 -0.06
N PRO A 122 1.44 -11.30 0.00
CA PRO A 122 0.83 -12.45 -0.70
C PRO A 122 0.62 -12.19 -2.18
N SER A 123 0.48 -13.28 -2.93
CA SER A 123 0.11 -13.22 -4.33
C SER A 123 -1.39 -13.00 -4.41
N PHE A 124 -1.88 -12.64 -5.60
CA PHE A 124 -3.31 -12.56 -5.82
C PHE A 124 -3.98 -13.90 -5.52
N GLU A 125 -3.37 -14.98 -5.99
CA GLU A 125 -3.89 -16.32 -5.77
C GLU A 125 -4.04 -16.62 -4.27
N GLN A 126 -3.07 -16.18 -3.49
CA GLN A 126 -3.11 -16.43 -2.05
C GLN A 126 -4.21 -15.63 -1.36
N LEU A 127 -4.49 -14.43 -1.87
CA LEU A 127 -5.61 -13.64 -1.35
C LEU A 127 -6.95 -14.25 -1.76
N MET A 128 -7.12 -14.57 -3.04
CA MET A 128 -8.39 -15.14 -3.51
C MET A 128 -8.67 -16.46 -2.83
N GLY A 129 -7.64 -17.28 -2.70
CA GLY A 129 -7.80 -18.57 -2.05
C GLY A 129 -8.32 -18.41 -0.63
N TYR A 130 -7.82 -17.38 0.06
CA TYR A 130 -8.25 -17.12 1.43
C TYR A 130 -9.71 -16.67 1.47
N GLN A 131 -10.08 -15.78 0.55
CA GLN A 131 -11.46 -15.30 0.50
C GLN A 131 -12.43 -16.43 0.23
N MET A 132 -12.08 -17.31 -0.72
CA MET A 132 -12.94 -18.44 -1.00
C MET A 132 -12.99 -19.41 0.18
N SER A 133 -11.87 -19.57 0.87
CA SER A 133 -11.81 -20.43 2.06
C SER A 133 -12.73 -19.92 3.16
N ALA A 134 -12.74 -18.61 3.37
CA ALA A 134 -13.59 -18.03 4.41
C ALA A 134 -15.06 -18.27 4.10
N LEU A 135 -15.43 -18.15 2.83
CA LEU A 135 -16.81 -18.39 2.46
C LEU A 135 -17.14 -19.87 2.60
N ASN A 136 -16.20 -20.72 2.17
CA ASN A 136 -16.39 -22.17 2.29
C ASN A 136 -16.61 -22.58 3.75
N TRP A 137 -15.78 -22.04 4.63
CA TRP A 137 -15.88 -22.33 6.06
C TRP A 137 -17.24 -21.91 6.60
N ARG A 138 -17.66 -20.69 6.27
CA ARG A 138 -18.95 -20.18 6.77
C ARG A 138 -20.11 -21.05 6.30
N GLN A 139 -20.10 -21.42 5.03
CA GLN A 139 -21.14 -22.31 4.50
C GLN A 139 -21.10 -23.65 5.21
N SER A 140 -19.90 -24.18 5.39
CA SER A 140 -19.76 -25.53 5.91
C SER A 140 -20.22 -25.66 7.35
N VAL A 141 -19.89 -24.67 8.18
CA VAL A 141 -20.23 -24.77 9.60
C VAL A 141 -21.57 -24.11 9.91
N GLY A 142 -22.20 -23.51 8.91
CA GLY A 142 -23.47 -22.85 9.09
C GLY A 142 -23.32 -21.62 9.98
N TYR A 143 -22.25 -20.87 9.77
CA TYR A 143 -21.98 -19.70 10.62
C TYR A 143 -23.03 -18.61 10.45
N GLY A 144 -23.60 -18.52 9.24
CA GLY A 144 -24.50 -17.44 8.88
C GLY A 144 -25.92 -17.58 9.43
N GLN A 145 -26.04 -18.10 10.64
CA GLN A 145 -27.33 -18.36 11.28
C GLN A 145 -28.10 -17.12 11.66
N LEU A 146 -27.37 -16.01 11.82
CA LEU A 146 -27.92 -14.74 12.26
C LEU A 146 -27.64 -13.68 11.22
N GLU A 147 -28.48 -12.64 11.16
CA GLU A 147 -28.15 -11.49 10.33
C GLU A 147 -26.77 -11.00 10.68
N GLU A 148 -26.50 -10.96 11.98
CA GLU A 148 -25.22 -10.52 12.54
C GLU A 148 -24.00 -11.24 12.03
N THR A 149 -24.20 -12.45 11.52
CA THR A 149 -23.05 -13.28 11.15
C THR A 149 -23.09 -13.66 9.69
N ALA A 150 -23.86 -12.91 8.91
CA ALA A 150 -24.11 -13.28 7.53
C ALA A 150 -23.06 -12.77 6.55
N VAL A 151 -23.13 -13.31 5.34
CA VAL A 151 -22.28 -12.89 4.25
C VAL A 151 -22.95 -11.76 3.48
N LEU A 152 -22.23 -10.65 3.29
CA LEU A 152 -22.77 -9.48 2.58
C LEU A 152 -22.44 -9.56 1.10
N VAL A 153 -23.45 -9.31 0.28
CA VAL A 153 -23.26 -9.22 -1.16
C VAL A 153 -23.92 -7.93 -1.57
N SER A 154 -23.11 -6.91 -1.84
CA SER A 154 -23.68 -5.58 -1.95
C SER A 154 -22.74 -4.64 -2.67
N GLN A 155 -22.97 -3.36 -2.48
CA GLN A 155 -22.09 -2.33 -3.01
C GLN A 155 -21.72 -1.37 -1.89
N VAL A 156 -20.52 -0.82 -1.94
CA VAL A 156 -20.14 0.23 -1.02
C VAL A 156 -21.17 1.35 -1.16
N ILE A 157 -21.59 1.92 -0.04
CA ILE A 157 -22.58 2.98 -0.07
C ILE A 157 -21.93 4.27 -0.58
N ALA A 158 -22.65 4.96 -1.46
CA ALA A 158 -22.09 6.11 -2.16
C ALA A 158 -22.06 7.38 -1.30
N GLN A 159 -22.97 7.47 -0.34
CA GLN A 159 -23.03 8.63 0.54
C GLN A 159 -22.99 8.20 1.99
N PHE A 160 -22.27 8.96 2.81
CA PHE A 160 -22.23 8.72 4.25
C PHE A 160 -22.64 10.00 4.93
N SER A 161 -23.75 9.94 5.67
CA SER A 161 -24.36 11.11 6.27
C SER A 161 -23.97 11.24 7.75
N VAL A 162 -23.46 12.40 8.13
CA VAL A 162 -22.97 12.65 9.49
C VAL A 162 -23.46 13.99 9.99
N PRO A 163 -23.40 14.23 11.32
CA PRO A 163 -23.72 15.58 11.79
C PRO A 163 -22.82 16.61 11.14
N GLY A 164 -23.35 17.80 10.88
CA GLY A 164 -22.60 18.83 10.18
C GLY A 164 -21.26 19.18 10.81
N THR A 165 -21.17 19.06 12.13
CA THR A 165 -19.93 19.42 12.83
C THR A 165 -18.81 18.40 12.62
N LEU A 166 -19.16 17.25 12.04
CA LEU A 166 -18.16 16.21 11.81
C LEU A 166 -17.68 16.11 10.38
N VAL A 167 -18.35 16.81 9.45
CA VAL A 167 -18.11 16.60 8.02
C VAL A 167 -16.66 16.76 7.59
N VAL A 168 -16.04 17.84 8.06
CA VAL A 168 -14.66 18.18 7.66
C VAL A 168 -13.69 17.12 8.14
N THR A 169 -13.83 16.72 9.39
CA THR A 169 -12.95 15.70 9.95
C THR A 169 -13.15 14.35 9.27
N VAL A 170 -14.40 13.99 9.00
CA VAL A 170 -14.67 12.73 8.30
C VAL A 170 -14.08 12.78 6.90
N GLN A 171 -14.13 13.94 6.26
CA GLN A 171 -13.50 14.09 4.96
C GLN A 171 -11.98 13.93 5.06
N GLU A 172 -11.40 14.41 6.15
CA GLU A 172 -9.97 14.22 6.39
C GLU A 172 -9.63 12.74 6.52
N MET A 173 -10.52 11.97 7.14
CA MET A 173 -10.29 10.53 7.27
C MET A 173 -10.27 9.86 5.91
N ILE A 174 -11.14 10.31 5.02
CA ILE A 174 -11.13 9.80 3.65
C ILE A 174 -9.77 10.09 3.02
N LYS A 175 -9.28 11.32 3.21
CA LYS A 175 -7.97 11.66 2.64
C LYS A 175 -6.85 10.81 3.25
N ASP A 176 -6.93 10.55 4.55
CA ASP A 176 -5.93 9.72 5.23
C ASP A 176 -5.94 8.30 4.65
N MET A 177 -7.13 7.74 4.46
CA MET A 177 -7.26 6.42 3.83
C MET A 177 -6.59 6.39 2.46
N ILE A 178 -6.77 7.48 1.71
CA ILE A 178 -6.22 7.57 0.37
C ILE A 178 -4.69 7.65 0.43
N ALA A 179 -4.16 8.47 1.32
CA ALA A 179 -2.70 8.60 1.45
C ALA A 179 -2.05 7.28 1.83
N ARG A 180 -2.68 6.53 2.74
CA ARG A 180 -2.16 5.23 3.17
C ARG A 180 -2.13 4.21 2.02
N ARG A 181 -2.82 4.54 0.93
CA ARG A 181 -2.83 3.83 -0.35
C ARG A 181 -3.80 2.66 -0.32
N VAL A 291 -13.95 -7.77 -9.81
CA VAL A 291 -14.89 -6.72 -9.41
C VAL A 291 -14.80 -6.44 -7.91
N PHE A 292 -14.57 -7.47 -7.11
CA PHE A 292 -14.40 -7.31 -5.66
C PHE A 292 -12.98 -6.89 -5.32
N LYS A 293 -12.17 -6.71 -6.37
CA LYS A 293 -10.74 -6.40 -6.29
C LYS A 293 -10.33 -5.50 -5.12
N ASN A 294 -11.17 -4.52 -4.82
CA ASN A 294 -10.87 -3.60 -3.72
C ASN A 294 -11.05 -4.25 -2.35
N GLN A 295 -11.71 -5.42 -2.33
CA GLN A 295 -11.97 -6.18 -1.11
C GLN A 295 -11.15 -7.46 -1.02
N ILE A 296 -10.29 -7.68 -2.00
CA ILE A 296 -9.51 -8.92 -2.11
C ILE A 296 -8.62 -9.21 -0.88
N ALA A 297 -8.26 -8.18 -0.14
CA ALA A 297 -7.37 -8.38 1.02
C ALA A 297 -8.12 -8.22 2.34
N GLN A 298 -9.44 -8.10 2.27
CA GLN A 298 -10.22 -7.89 3.48
C GLN A 298 -10.11 -9.05 4.46
N ILE A 299 -9.84 -8.75 5.74
CA ILE A 299 -9.79 -9.79 6.75
C ILE A 299 -11.20 -10.22 7.14
N ASP A 300 -11.46 -11.52 7.00
CA ASP A 300 -12.63 -12.12 7.60
C ASP A 300 -12.26 -12.37 9.07
N SER A 301 -12.75 -11.51 9.97
CA SER A 301 -12.34 -11.56 11.36
C SER A 301 -12.63 -12.92 12.00
N VAL A 302 -13.77 -13.49 11.64
CA VAL A 302 -14.16 -14.78 12.24
C VAL A 302 -13.34 -15.93 11.68
N PHE A 303 -13.20 -16.01 10.36
CA PHE A 303 -12.44 -17.10 9.74
C PHE A 303 -10.97 -17.08 10.15
N SER A 304 -10.32 -15.92 10.07
CA SER A 304 -8.94 -15.82 10.50
C SER A 304 -8.77 -16.18 11.98
N SER A 305 -9.71 -15.72 12.81
CA SER A 305 -9.62 -16.05 14.24
C SER A 305 -9.73 -17.55 14.47
N TYR A 306 -10.63 -18.21 13.74
CA TYR A 306 -10.71 -19.67 13.83
C TYR A 306 -9.45 -20.35 13.29
N TYR A 307 -8.90 -19.83 12.20
CA TYR A 307 -7.67 -20.36 11.64
C TYR A 307 -6.55 -20.27 12.66
N TRP A 308 -6.42 -19.11 13.32
CA TRP A 308 -5.36 -18.94 14.31
C TRP A 308 -5.58 -19.85 15.53
N MET A 309 -6.82 -19.97 15.98
CA MET A 309 -7.13 -20.89 17.07
C MET A 309 -6.69 -22.33 16.72
N TRP A 310 -7.02 -22.75 15.50
CA TRP A 310 -6.56 -24.06 15.01
C TRP A 310 -5.02 -24.16 14.93
N ARG A 311 -4.38 -23.15 14.33
CA ARG A 311 -2.93 -23.18 14.18
C ARG A 311 -2.24 -23.29 15.54
N ALA A 312 -2.89 -22.74 16.55
CA ALA A 312 -2.31 -22.67 17.89
C ALA A 312 -2.54 -23.95 18.66
N GLY A 313 -3.19 -24.92 18.04
CA GLY A 313 -3.45 -26.21 18.69
C GLY A 313 -4.51 -26.16 19.77
N ILE A 314 -5.33 -25.11 19.74
CA ILE A 314 -6.45 -25.01 20.68
C ILE A 314 -7.57 -25.97 20.27
N THR A 315 -8.12 -26.67 21.24
CA THR A 315 -9.19 -27.65 21.01
C THR A 315 -10.46 -27.16 21.68
N PRO A 316 -11.60 -27.82 21.40
CA PRO A 316 -12.82 -27.43 22.14
C PRO A 316 -12.62 -27.53 23.65
N GLU A 317 -11.77 -28.45 24.08
CA GLU A 317 -11.50 -28.64 25.50
C GLU A 317 -10.60 -27.54 26.10
N SER A 318 -9.62 -27.07 25.36
CA SER A 318 -8.72 -26.04 25.90
C SER A 318 -9.17 -24.62 25.54
N PHE A 319 -10.22 -24.52 24.72
CA PHE A 319 -10.76 -23.23 24.30
C PHE A 319 -11.00 -22.21 25.43
N PRO A 320 -11.57 -22.64 26.58
CA PRO A 320 -11.82 -21.64 27.63
C PRO A 320 -10.57 -20.90 28.10
N LEU A 321 -9.40 -21.51 27.98
CA LEU A 321 -8.15 -20.84 28.33
C LEU A 321 -7.92 -19.60 27.46
N LEU A 322 -8.16 -19.77 26.17
CA LEU A 322 -8.00 -18.66 25.24
C LEU A 322 -9.08 -17.59 25.46
N SER A 323 -10.30 -18.05 25.70
CA SER A 323 -11.44 -17.16 25.87
C SER A 323 -11.26 -16.29 27.12
N ASP A 324 -10.88 -16.92 28.23
CA ASP A 324 -10.66 -16.16 29.46
C ASP A 324 -9.55 -15.14 29.32
N PHE A 325 -8.47 -15.52 28.65
CA PHE A 325 -7.37 -14.61 28.43
C PHE A 325 -7.84 -13.40 27.62
N LEU A 326 -8.58 -13.65 26.55
CA LEU A 326 -9.02 -12.56 25.69
C LEU A 326 -10.03 -11.64 26.39
N PHE A 327 -10.90 -12.24 27.21
CA PHE A 327 -11.88 -11.42 27.93
C PHE A 327 -11.14 -10.45 28.86
N GLU A 328 -10.11 -10.94 29.54
CA GLU A 328 -9.39 -10.07 30.46
C GLU A 328 -8.69 -8.99 29.65
N LEU A 329 -8.19 -9.37 28.47
CA LEU A 329 -7.55 -8.42 27.57
C LEU A 329 -8.50 -7.28 27.18
N GLY A 330 -9.78 -7.62 27.00
CA GLY A 330 -10.81 -6.64 26.68
C GLY A 330 -11.14 -5.67 27.83
N GLN A 331 -10.64 -5.93 29.03
CA GLN A 331 -11.01 -5.09 30.17
C GLN A 331 -10.15 -3.84 30.29
N ASN A 332 -8.90 -3.93 29.83
CA ASN A 332 -7.96 -2.82 29.91
C ASN A 332 -6.98 -2.92 28.76
N ALA A 333 -6.71 -1.81 28.08
CA ALA A 333 -5.74 -1.82 26.99
C ALA A 333 -4.41 -2.38 27.49
N ARG A 334 -3.70 -3.12 26.63
CA ARG A 334 -2.41 -3.67 27.00
C ARG A 334 -1.43 -3.49 25.85
N GLY A 335 -0.24 -3.00 26.14
CA GLY A 335 0.81 -2.84 25.14
C GLY A 335 1.26 -4.19 24.58
N SER A 336 1.72 -4.18 23.34
CA SER A 336 2.09 -5.41 22.65
C SER A 336 3.15 -6.23 23.39
N ALA A 337 4.16 -5.57 23.94
CA ALA A 337 5.23 -6.31 24.61
C ALA A 337 4.68 -7.03 25.84
N LYS A 338 3.74 -6.39 26.52
CA LYS A 338 3.14 -6.96 27.70
C LYS A 338 2.20 -8.11 27.35
N ILE A 339 1.56 -8.01 26.19
CA ILE A 339 0.74 -9.11 25.70
C ILE A 339 1.63 -10.32 25.44
N ILE A 340 2.74 -10.10 24.75
CA ILE A 340 3.69 -11.17 24.47
C ILE A 340 4.19 -11.79 25.78
N LYS A 341 4.46 -10.96 26.77
CA LYS A 341 4.92 -11.46 28.04
C LYS A 341 3.84 -12.32 28.69
N THR A 342 2.58 -11.92 28.55
CA THR A 342 1.45 -12.66 29.13
C THR A 342 1.42 -14.08 28.55
N LEU A 343 1.65 -14.17 27.24
CA LEU A 343 1.51 -15.42 26.48
C LEU A 343 2.76 -16.25 26.33
N ASP A 344 3.92 -15.61 26.36
CA ASP A 344 5.19 -16.30 26.08
C ASP A 344 5.79 -16.77 27.40
N ARG A 345 4.91 -17.23 28.28
CA ARG A 345 5.35 -17.70 29.56
C ARG A 345 6.10 -19.02 29.51
N ILE A 346 7.02 -19.13 30.46
CA ILE A 346 7.86 -20.29 30.65
C ILE A 346 6.90 -21.47 30.71
N GLY A 347 5.81 -21.24 31.41
CA GLY A 347 4.93 -22.29 31.81
C GLY A 347 3.74 -22.45 30.91
N LEU A 348 3.17 -21.35 30.46
CA LEU A 348 1.97 -21.44 29.67
C LEU A 348 2.17 -22.30 28.42
N LYS A 349 1.79 -23.56 28.50
CA LYS A 349 1.92 -24.45 27.36
C LYS A 349 0.96 -24.04 26.24
N TRP A 350 -0.29 -23.76 26.60
CA TRP A 350 -1.35 -23.60 25.61
C TRP A 350 -1.09 -22.45 24.63
N SER A 351 -0.41 -21.41 25.11
CA SER A 351 -0.26 -20.18 24.32
C SER A 351 1.05 -20.10 23.52
N LYS A 352 1.98 -21.02 23.78
CA LYS A 352 3.26 -20.97 23.06
C LYS A 352 3.09 -21.09 21.53
N PRO A 353 2.29 -22.06 21.05
CA PRO A 353 2.12 -22.10 19.60
C PRO A 353 1.47 -20.83 19.04
N LEU A 354 0.68 -20.15 19.86
CA LEU A 354 0.01 -18.93 19.45
C LEU A 354 1.02 -17.80 19.26
N VAL A 355 1.93 -17.64 20.22
CA VAL A 355 2.91 -16.56 20.13
C VAL A 355 3.86 -16.82 18.97
N ASN A 356 4.08 -18.09 18.65
CA ASN A 356 4.97 -18.44 17.56
C ASN A 356 4.41 -18.04 16.19
N LEU A 357 3.11 -17.79 16.14
CA LEU A 357 2.47 -17.38 14.89
C LEU A 357 2.68 -15.89 14.58
N PHE A 358 3.00 -15.11 15.60
CA PHE A 358 3.12 -13.65 15.48
C PHE A 358 4.14 -13.19 14.46
N ALA A 359 3.75 -12.26 13.60
CA ALA A 359 4.66 -11.69 12.61
C ALA A 359 5.09 -10.27 12.95
N ASP A 360 4.96 -9.89 14.20
CA ASP A 360 5.28 -8.53 14.65
C ASP A 360 6.65 -8.04 14.17
N SER A 361 7.66 -8.90 14.32
CA SER A 361 9.03 -8.51 14.04
C SER A 361 9.53 -9.02 12.69
N THR A 362 8.77 -9.91 12.07
CA THR A 362 9.21 -10.51 10.83
C THR A 362 8.69 -9.77 9.59
N PHE A 363 7.56 -9.08 9.73
CA PHE A 363 6.97 -8.39 8.59
C PHE A 363 7.27 -6.89 8.61
N LYS A 364 7.96 -6.42 7.57
CA LYS A 364 8.45 -5.03 7.53
C LYS A 364 7.71 -4.11 6.54
N MET A 365 7.04 -4.70 5.55
CA MET A 365 6.47 -3.97 4.40
C MET A 365 5.42 -2.89 4.74
N GLY A 366 4.81 -2.99 5.91
CA GLY A 366 3.64 -2.20 6.23
C GLY A 366 2.47 -3.17 6.30
N ARG A 367 1.75 -3.17 7.43
CA ARG A 367 0.75 -4.20 7.70
C ARG A 367 -0.36 -4.28 6.67
N ILE A 368 -0.58 -3.18 5.94
CA ILE A 368 -1.60 -3.18 4.91
C ILE A 368 -1.30 -4.27 3.85
N HIS A 369 -0.05 -4.71 3.79
CA HIS A 369 0.36 -5.72 2.81
C HIS A 369 0.42 -7.14 3.35
N MET A 370 0.18 -7.29 4.64
CA MET A 370 0.21 -8.61 5.24
C MET A 370 -1.02 -9.39 4.78
N HIS A 371 -0.83 -10.66 4.45
CA HIS A 371 -1.97 -11.55 4.14
C HIS A 371 -2.92 -11.58 5.32
N PRO A 372 -4.24 -11.65 5.05
CA PRO A 372 -5.23 -11.58 6.13
C PRO A 372 -5.23 -12.78 7.09
N ALA A 373 -4.53 -13.86 6.76
CA ALA A 373 -4.46 -15.00 7.68
C ALA A 373 -3.17 -14.99 8.51
N ILE A 374 -2.45 -13.88 8.52
CA ILE A 374 -1.21 -13.82 9.30
C ILE A 374 -1.47 -13.08 10.61
N LEU A 375 -1.04 -13.70 11.71
CA LEU A 375 -1.31 -13.19 13.05
C LEU A 375 -0.21 -12.22 13.52
N THR A 376 -0.61 -11.26 14.36
CA THR A 376 0.27 -10.34 15.07
C THR A 376 -0.34 -10.13 16.44
N THR A 377 0.39 -9.49 17.36
CA THR A 377 -0.21 -9.17 18.65
C THR A 377 -1.41 -8.25 18.46
N GLY A 378 -1.28 -7.30 17.54
CA GLY A 378 -2.37 -6.40 17.23
C GLY A 378 -3.62 -7.12 16.73
N ARG A 379 -3.41 -8.20 15.99
CA ARG A 379 -4.54 -8.92 15.45
C ARG A 379 -5.17 -9.86 16.48
N LEU A 380 -4.63 -9.92 17.68
CA LEU A 380 -5.38 -10.58 18.75
C LEU A 380 -6.69 -9.84 18.97
N ASN A 381 -6.74 -8.55 18.59
CA ASN A 381 -7.99 -7.80 18.71
C ASN A 381 -9.08 -8.36 17.79
N GLU A 382 -8.66 -9.05 16.74
CA GLU A 382 -9.59 -9.78 15.90
C GLU A 382 -10.16 -10.97 16.68
N MET A 383 -9.28 -11.71 17.35
CA MET A 383 -9.70 -12.89 18.08
C MET A 383 -10.59 -12.53 19.26
N GLY A 384 -10.33 -11.38 19.86
CA GLY A 384 -11.13 -10.88 20.97
C GLY A 384 -12.59 -10.68 20.61
N LEU A 385 -12.86 -10.27 19.37
CA LEU A 385 -14.23 -10.15 18.91
C LEU A 385 -14.95 -11.48 19.02
N CYS A 386 -14.24 -12.55 18.69
CA CYS A 386 -14.86 -13.85 18.51
C CYS A 386 -14.99 -14.59 19.82
N PHE A 387 -13.97 -14.48 20.65
CA PHE A 387 -13.84 -15.36 21.81
C PHE A 387 -13.63 -14.60 23.12
N GLY A 388 -13.61 -13.27 23.05
CA GLY A 388 -13.27 -12.48 24.21
C GLY A 388 -14.30 -11.48 24.72
N ILE A 389 -15.50 -11.46 24.13
CA ILE A 389 -16.55 -10.60 24.64
C ILE A 389 -17.27 -11.31 25.79
N ILE A 390 -17.37 -12.63 25.67
CA ILE A 390 -17.94 -13.47 26.74
C ILE A 390 -16.91 -14.48 27.18
N PRO A 391 -16.55 -14.50 28.48
CA PRO A 391 -15.53 -15.48 28.90
C PRO A 391 -16.18 -16.85 29.06
N ALA A 392 -15.73 -17.82 28.27
CA ALA A 392 -16.39 -19.12 28.17
C ALA A 392 -16.59 -19.82 29.51
N SER A 393 -15.61 -19.71 30.40
CA SER A 393 -15.68 -20.44 31.66
C SER A 393 -16.52 -19.73 32.72
N HIS A 394 -16.85 -18.46 32.47
CA HIS A 394 -17.76 -17.74 33.37
C HIS A 394 -18.55 -16.65 32.62
N PRO A 395 -19.49 -17.07 31.76
CA PRO A 395 -20.19 -16.19 30.83
C PRO A 395 -20.89 -15.00 31.50
N GLU A 396 -21.41 -15.17 32.71
CA GLU A 396 -22.13 -14.06 33.34
C GLU A 396 -21.21 -12.85 33.65
N SER A 397 -19.90 -13.04 33.64
CA SER A 397 -18.98 -11.92 33.81
C SER A 397 -19.07 -10.92 32.66
N ALA A 398 -19.68 -11.34 31.56
CA ALA A 398 -19.73 -10.51 30.35
C ALA A 398 -20.54 -9.22 30.53
N VAL A 399 -21.32 -9.15 31.61
CA VAL A 399 -22.14 -7.96 31.85
C VAL A 399 -21.30 -6.71 32.04
N ASN A 400 -20.01 -6.87 32.36
CA ASN A 400 -19.14 -5.73 32.56
C ASN A 400 -18.51 -5.20 31.27
N GLY A 401 -18.81 -5.84 30.16
CA GLY A 401 -18.30 -5.39 28.88
C GLY A 401 -16.95 -5.97 28.52
N SER A 402 -16.45 -5.58 27.35
CA SER A 402 -15.17 -6.06 26.83
C SER A 402 -14.91 -5.23 25.59
N GLY A 403 -13.80 -4.49 25.59
CA GLY A 403 -13.54 -3.53 24.54
C GLY A 403 -12.54 -4.01 23.52
N PHE A 404 -13.05 -4.37 22.34
CA PHE A 404 -12.19 -4.66 21.20
C PHE A 404 -12.60 -3.80 20.01
N ALA A 405 -11.59 -3.29 19.29
CA ALA A 405 -11.77 -2.29 18.23
C ALA A 405 -13.01 -2.45 17.36
N LYS A 406 -13.18 -3.63 16.76
CA LYS A 406 -14.26 -3.77 15.77
C LYS A 406 -15.63 -4.02 16.37
N ASN A 407 -15.76 -3.94 17.71
CA ASN A 407 -17.08 -3.77 18.31
C ASN A 407 -17.74 -2.53 17.71
N ILE A 408 -16.93 -1.58 17.26
CA ILE A 408 -17.46 -0.33 16.76
C ILE A 408 -18.27 -0.51 15.47
N LEU A 409 -18.11 -1.65 14.80
CA LEU A 409 -18.86 -1.88 13.57
C LEU A 409 -20.34 -2.13 13.89
N ASN A 410 -20.62 -2.47 15.14
CA ASN A 410 -22.01 -2.71 15.58
C ASN A 410 -22.68 -1.41 16.02
N VAL A 411 -21.94 -0.30 16.04
CA VAL A 411 -22.54 0.99 16.44
C VAL A 411 -23.31 1.55 15.25
N ARG A 412 -24.50 2.10 15.52
CA ARG A 412 -25.39 2.52 14.44
C ARG A 412 -24.88 3.72 13.67
N THR A 413 -25.26 3.81 12.39
CA THR A 413 -24.96 4.98 11.59
C THR A 413 -26.19 5.83 11.29
N ASP A 414 -27.37 5.36 11.68
CA ASP A 414 -28.56 6.19 11.54
C ASP A 414 -28.70 7.03 12.80
N GLY A 415 -29.87 7.63 13.01
CA GLY A 415 -30.04 8.54 14.13
C GLY A 415 -29.01 9.66 14.06
N MET A 416 -28.33 9.93 15.17
CA MET A 416 -27.32 10.97 15.18
C MET A 416 -25.95 10.45 14.72
N ASN A 417 -25.93 9.24 14.17
CA ASN A 417 -24.71 8.57 13.75
C ASN A 417 -23.69 8.44 14.88
N PRO A 418 -24.00 7.65 15.92
CA PRO A 418 -23.04 7.45 17.02
C PRO A 418 -21.76 6.81 16.52
N SER A 419 -21.85 6.07 15.43
CA SER A 419 -20.69 5.48 14.79
C SER A 419 -19.69 6.57 14.39
N ALA A 420 -20.14 7.50 13.57
CA ALA A 420 -19.30 8.64 13.18
C ALA A 420 -18.81 9.44 14.38
N GLN A 421 -19.67 9.63 15.39
CA GLN A 421 -19.26 10.38 16.58
C GLN A 421 -18.03 9.75 17.22
N LEU A 422 -18.08 8.43 17.42
CA LEU A 422 -16.99 7.72 18.08
C LEU A 422 -15.76 7.62 17.18
N ILE A 423 -15.99 7.30 15.91
CA ILE A 423 -14.89 7.19 14.95
C ILE A 423 -14.09 8.48 14.82
N VAL A 424 -14.78 9.62 14.73
CA VAL A 424 -14.11 10.91 14.68
C VAL A 424 -13.32 11.19 15.96
N GLN A 425 -13.90 10.87 17.11
CA GLN A 425 -13.16 11.06 18.37
C GLN A 425 -11.88 10.22 18.39
N LEU A 426 -11.98 8.97 17.93
CA LEU A 426 -10.82 8.09 17.90
C LEU A 426 -9.76 8.58 16.93
N PHE A 427 -10.20 9.02 15.76
CA PHE A 427 -9.30 9.59 14.75
C PHE A 427 -8.54 10.80 15.29
N ASP A 428 -9.24 11.72 15.94
CA ASP A 428 -8.60 12.91 16.52
C ASP A 428 -7.59 12.50 17.60
N ILE A 429 -7.95 11.50 18.41
CA ILE A 429 -7.04 11.05 19.47
C ILE A 429 -5.81 10.41 18.83
N GLN A 430 -6.01 9.57 17.83
CA GLN A 430 -4.89 8.94 17.14
C GLN A 430 -3.94 9.95 16.50
N ARG A 431 -4.49 10.96 15.85
CA ARG A 431 -3.61 11.89 15.17
C ARG A 431 -2.95 12.84 16.18
N GLN A 432 -3.64 13.16 17.28
CA GLN A 432 -3.08 14.05 18.29
C GLN A 432 -2.05 13.32 19.14
N SER A 433 -2.07 11.98 19.08
CA SER A 433 -1.08 11.20 19.81
C SER A 433 0.23 11.22 19.05
N ARG A 434 0.13 11.42 17.73
CA ARG A 434 1.28 11.52 16.83
C ARG A 434 2.10 10.22 16.78
N THR A 435 1.44 9.09 16.98
CA THR A 435 2.16 7.83 16.96
C THR A 435 2.62 7.47 15.55
N LEU A 436 3.78 6.83 15.46
CA LEU A 436 4.32 6.38 14.18
C LEU A 436 4.01 4.92 13.93
N SER A 437 3.33 4.28 14.89
CA SER A 437 3.08 2.84 14.80
C SER A 437 2.11 2.52 13.66
N ASP A 438 2.32 1.35 13.06
CA ASP A 438 1.39 0.83 12.07
C ASP A 438 0.32 0.09 12.85
N LEU A 439 -0.79 0.79 13.14
CA LEU A 439 -1.80 0.24 14.04
C LEU A 439 -2.69 -0.80 13.34
N ASP A 440 -2.57 -0.93 12.03
CA ASP A 440 -3.15 -2.07 11.33
C ASP A 440 -4.65 -2.20 11.63
N VAL A 441 -5.08 -3.31 12.23
CA VAL A 441 -6.50 -3.59 12.36
C VAL A 441 -7.23 -2.83 13.47
N VAL A 442 -6.51 -2.00 14.21
CA VAL A 442 -7.17 -1.14 15.19
C VAL A 442 -7.02 0.33 14.86
N SER A 443 -6.42 0.64 13.71
CA SER A 443 -6.28 2.03 13.27
C SER A 443 -7.67 2.61 12.98
N SER A 444 -7.89 3.87 13.30
CA SER A 444 -9.22 4.45 13.19
C SER A 444 -9.72 4.47 11.75
N GLU A 445 -8.81 4.72 10.80
CA GLU A 445 -9.24 4.74 9.41
C GLU A 445 -9.49 3.32 8.87
N HIS A 446 -8.83 2.30 9.41
CA HIS A 446 -9.18 0.90 9.08
C HIS A 446 -10.59 0.57 9.54
N LEU A 447 -10.93 0.96 10.76
CA LEU A 447 -12.25 0.73 11.30
C LEU A 447 -13.29 1.46 10.45
N PHE A 448 -12.97 2.70 10.08
CA PHE A 448 -13.90 3.50 9.29
C PHE A 448 -14.10 2.86 7.91
N HIS A 449 -13.03 2.34 7.34
CA HIS A 449 -13.09 1.64 6.06
C HIS A 449 -14.12 0.51 6.13
N GLN A 450 -14.08 -0.24 7.21
CA GLN A 450 -15.00 -1.36 7.38
C GLN A 450 -16.45 -0.89 7.51
N ILE A 451 -16.65 0.27 8.13
CA ILE A 451 -17.99 0.83 8.23
C ILE A 451 -18.48 1.25 6.84
N LEU A 452 -17.61 1.87 6.06
CA LEU A 452 -18.00 2.28 4.70
C LEU A 452 -18.27 1.09 3.75
N VAL A 453 -17.58 -0.03 3.90
CA VAL A 453 -17.92 -1.18 3.04
C VAL A 453 -19.23 -1.85 3.46
N GLY A 454 -19.73 -1.51 4.65
CA GLY A 454 -21.09 -1.88 5.03
C GLY A 454 -21.23 -2.94 6.11
N LYS A 455 -20.14 -3.24 6.82
CA LYS A 455 -20.24 -4.20 7.89
C LYS A 455 -21.06 -3.59 9.03
N ARG A 456 -22.10 -4.30 9.45
CA ARG A 456 -22.93 -3.82 10.55
C ARG A 456 -22.64 -4.58 11.85
N THR A 457 -21.77 -5.58 11.75
CA THR A 457 -21.05 -6.15 12.91
C THR A 457 -19.68 -6.62 12.41
N ALA A 458 -18.80 -6.98 13.34
CA ALA A 458 -17.52 -7.54 12.96
C ALA A 458 -17.63 -8.96 12.35
N TYR A 459 -18.80 -9.59 12.48
CA TYR A 459 -18.96 -11.02 12.19
C TYR A 459 -19.50 -11.28 10.80
N GLN A 460 -19.83 -10.20 10.10
CA GLN A 460 -20.25 -10.28 8.70
C GLN A 460 -19.06 -10.33 7.77
N ASN A 461 -19.17 -11.13 6.72
CA ASN A 461 -18.14 -11.15 5.68
C ASN A 461 -18.54 -10.18 4.58
N ALA A 462 -17.61 -9.31 4.17
CA ALA A 462 -17.93 -8.27 3.18
C ALA A 462 -16.98 -8.30 1.98
N PHE A 463 -16.43 -9.47 1.69
CA PHE A 463 -15.55 -9.65 0.53
C PHE A 463 -16.30 -9.31 -0.76
N GLN A 464 -17.56 -9.73 -0.84
CA GLN A 464 -18.33 -9.56 -2.07
C GLN A 464 -19.10 -8.25 -2.08
N VAL A 465 -18.42 -7.18 -1.69
CA VAL A 465 -18.98 -5.83 -1.74
C VAL A 465 -18.27 -5.07 -2.85
N LYS A 466 -19.05 -4.58 -3.80
CA LYS A 466 -18.49 -3.85 -4.94
C LYS A 466 -18.28 -2.40 -4.57
N GLY A 467 -17.26 -1.78 -5.17
CA GLY A 467 -17.02 -0.37 -4.95
C GLY A 467 -15.75 -0.09 -4.21
N ASN A 468 -15.45 1.20 -4.05
CA ASN A 468 -14.26 1.64 -3.33
C ASN A 468 -14.69 2.61 -2.23
N ALA A 469 -14.39 2.25 -0.99
CA ALA A 469 -14.82 3.05 0.15
C ALA A 469 -14.39 4.50 0.04
N THR A 470 -13.21 4.73 -0.56
CA THR A 470 -12.66 6.09 -0.61
C THR A 470 -13.39 6.96 -1.61
N ASP A 471 -14.31 6.39 -2.38
CA ASP A 471 -15.11 7.18 -3.31
C ASP A 471 -16.37 7.73 -2.64
N THR A 472 -16.61 7.35 -1.39
CA THR A 472 -17.84 7.74 -0.71
C THR A 472 -17.92 9.24 -0.43
N LYS A 473 -19.07 9.84 -0.74
CA LYS A 473 -19.27 11.26 -0.49
C LYS A 473 -19.72 11.49 0.95
N ILE A 474 -19.13 12.49 1.59
CA ILE A 474 -19.49 12.83 2.96
C ILE A 474 -20.45 14.00 2.95
N VAL A 475 -21.64 13.81 3.52
CA VAL A 475 -22.63 14.87 3.57
C VAL A 475 -23.10 15.11 5.00
N GLY A 476 -23.41 16.36 5.31
CA GLY A 476 -23.89 16.70 6.65
C GLY A 476 -25.39 16.69 6.70
N PHE A 477 -25.98 16.37 7.86
CA PHE A 477 -27.43 16.48 7.97
C PHE A 477 -27.82 17.59 8.93
N MET B 1 33.23 19.21 -16.71
CA MET B 1 33.48 19.92 -17.96
C MET B 1 32.37 20.94 -18.24
N GLU B 2 32.05 21.14 -19.52
CA GLU B 2 30.99 22.07 -19.88
C GLU B 2 29.70 21.33 -20.25
N ASN B 3 28.56 22.01 -20.11
CA ASN B 3 27.30 21.49 -20.61
C ASN B 3 27.16 21.88 -22.07
N LEU B 4 27.35 20.91 -22.96
CA LEU B 4 27.34 21.17 -24.38
C LEU B 4 25.94 21.04 -24.96
N ILE B 5 24.98 20.75 -24.09
CA ILE B 5 23.57 20.80 -24.50
C ILE B 5 23.10 22.22 -24.30
N ASP B 6 23.37 23.07 -25.30
CA ASP B 6 23.16 24.50 -25.16
C ASP B 6 22.53 25.11 -26.42
N PHE B 7 21.35 25.64 -26.28
CA PHE B 7 20.68 26.25 -27.37
C PHE B 7 19.69 27.24 -26.84
N SER B 8 19.27 28.17 -27.68
CA SER B 8 18.27 29.14 -27.34
C SER B 8 17.55 29.70 -28.55
N GLY B 9 16.63 30.61 -28.29
CA GLY B 9 15.87 31.22 -29.36
C GLY B 9 14.56 30.55 -29.54
N ASP B 11 13.42 27.71 -32.42
CA ASP B 11 14.05 26.55 -33.01
C ASP B 11 15.36 26.10 -32.45
N GLY B 12 15.72 26.61 -31.29
CA GLY B 12 16.99 26.23 -30.70
C GLY B 12 17.15 24.72 -30.56
N LEU B 13 16.11 24.05 -30.09
CA LEU B 13 16.18 22.60 -29.87
C LEU B 13 16.45 21.85 -31.15
N ASP B 14 15.59 22.07 -32.14
CA ASP B 14 15.72 21.41 -33.42
C ASP B 14 17.09 21.71 -34.07
N ARG B 15 17.48 22.97 -34.09
CA ARG B 15 18.81 23.36 -34.60
C ARG B 15 19.93 22.58 -33.90
N TRP B 16 19.87 22.49 -32.58
CA TRP B 16 20.92 21.81 -31.81
C TRP B 16 20.96 20.32 -32.12
N LEU B 17 19.79 19.69 -32.28
CA LEU B 17 19.74 18.27 -32.61
C LEU B 17 20.44 18.01 -33.94
N ARG B 18 20.14 18.82 -34.93
CA ARG B 18 20.73 18.67 -36.26
C ARG B 18 22.23 18.97 -36.26
N ALA B 19 22.64 19.97 -35.48
CA ALA B 19 24.05 20.31 -35.38
C ALA B 19 24.85 19.22 -34.66
N THR B 20 24.26 18.62 -33.62
CA THR B 20 24.96 17.66 -32.75
C THR B 20 24.90 16.24 -33.27
N PHE B 21 23.79 15.90 -33.92
CA PHE B 21 23.58 14.56 -34.43
C PHE B 21 23.26 14.57 -35.93
N PRO B 22 24.17 15.13 -36.75
CA PRO B 22 23.85 15.31 -38.18
C PRO B 22 23.54 14.01 -38.92
N ASP B 23 24.11 12.89 -38.47
CA ASP B 23 23.94 11.64 -39.22
C ASP B 23 22.93 10.70 -38.58
N VAL B 24 22.28 11.19 -37.53
CA VAL B 24 21.36 10.33 -36.78
C VAL B 24 19.98 10.38 -37.39
N ILE B 25 19.38 9.20 -37.55
CA ILE B 25 18.01 9.10 -37.99
C ILE B 25 17.16 8.70 -36.79
N LEU B 26 16.24 9.58 -36.40
CA LEU B 26 15.33 9.23 -35.31
C LEU B 26 14.13 8.49 -35.92
N SER B 27 13.55 7.58 -35.16
CA SER B 27 12.44 6.78 -35.63
C SER B 27 11.22 6.89 -34.73
N VAL B 28 10.03 6.81 -35.33
CA VAL B 28 8.81 6.61 -34.55
C VAL B 28 8.03 5.36 -35.00
N GLY B 29 8.70 4.43 -35.66
CA GLY B 29 8.07 3.19 -36.07
C GLY B 29 7.74 2.34 -34.85
N LEU B 30 8.57 2.44 -33.82
CA LEU B 30 8.36 1.63 -32.63
C LEU B 30 8.22 2.45 -31.35
N THR B 31 8.47 3.75 -31.46
CA THR B 31 8.32 4.65 -30.33
C THR B 31 7.36 5.79 -30.66
N ASN B 32 6.83 6.42 -29.61
CA ASN B 32 5.84 7.48 -29.79
C ASN B 32 6.48 8.75 -30.33
N TYR B 33 7.72 8.98 -29.91
CA TYR B 33 8.49 10.16 -30.31
C TYR B 33 9.88 9.71 -30.69
N GLY B 34 10.57 10.55 -31.45
CA GLY B 34 11.79 10.16 -32.12
C GLY B 34 12.83 9.56 -31.22
N SER B 35 13.25 8.34 -31.56
CA SER B 35 14.22 7.62 -30.78
C SER B 35 15.18 6.87 -31.69
N LEU B 36 16.15 6.20 -31.05
CA LEU B 36 17.13 5.37 -31.73
C LEU B 36 16.64 3.93 -31.88
N MET B 37 15.40 3.68 -31.50
CA MET B 37 14.89 2.31 -31.48
C MET B 37 14.43 1.86 -32.87
N THR B 38 15.05 0.79 -33.38
CA THR B 38 14.71 0.29 -34.71
C THR B 38 14.22 -1.16 -34.70
N SER B 39 14.28 -1.81 -33.55
CA SER B 39 13.79 -3.18 -33.39
C SER B 39 13.43 -3.41 -31.94
N VAL B 40 12.61 -4.42 -31.69
CA VAL B 40 12.24 -4.77 -30.32
C VAL B 40 13.26 -5.75 -29.75
N PRO B 41 13.94 -5.38 -28.66
CA PRO B 41 15.00 -6.22 -28.11
C PRO B 41 14.55 -7.63 -27.79
N ASP B 42 15.37 -8.60 -28.16
CA ASP B 42 15.14 -10.00 -27.81
C ASP B 42 15.81 -10.27 -26.48
N LEU B 43 14.98 -10.50 -25.46
CA LEU B 43 15.49 -10.71 -24.11
C LEU B 43 15.48 -12.18 -23.70
N SER B 44 15.28 -13.07 -24.66
CA SER B 44 15.09 -14.48 -24.36
C SER B 44 16.26 -15.10 -23.59
N HIS B 45 17.45 -14.55 -23.74
CA HIS B 45 18.61 -15.15 -23.10
C HIS B 45 18.66 -14.88 -21.60
N PHE B 46 17.84 -13.96 -21.11
CA PHE B 46 17.88 -13.61 -19.69
C PHE B 46 17.20 -14.65 -18.81
N GLU B 47 16.42 -15.54 -19.44
CA GLU B 47 15.77 -16.63 -18.72
C GLU B 47 16.79 -17.60 -18.12
N GLN B 48 17.80 -17.94 -18.90
CA GLN B 48 18.85 -18.84 -18.44
C GLN B 48 19.72 -18.19 -17.38
N MET B 49 20.01 -16.90 -17.57
CA MET B 49 20.73 -16.14 -16.56
C MET B 49 19.91 -16.11 -15.28
N ALA B 50 18.61 -15.90 -15.43
CA ALA B 50 17.70 -15.83 -14.29
C ALA B 50 17.72 -17.12 -13.49
N ARG B 51 17.65 -18.25 -14.20
CA ARG B 51 17.58 -19.56 -13.57
C ARG B 51 18.88 -19.90 -12.85
N GLN B 52 20.01 -19.43 -13.38
CA GLN B 52 21.32 -19.73 -12.79
C GLN B 52 21.72 -18.74 -11.69
N ALA B 53 20.97 -17.65 -11.56
CA ALA B 53 21.20 -16.70 -10.47
C ALA B 53 20.80 -17.32 -9.13
N LYS B 54 21.70 -17.26 -8.16
CA LYS B 54 21.47 -17.89 -6.86
C LYS B 54 21.18 -16.88 -5.75
N SER B 55 22.12 -15.98 -5.50
CA SER B 55 21.96 -14.99 -4.43
C SER B 55 20.96 -13.91 -4.83
N GLU B 56 20.41 -13.24 -3.81
CA GLU B 56 19.41 -12.18 -4.03
C GLU B 56 19.98 -11.08 -4.91
N GLN B 57 21.27 -10.79 -4.74
CA GLN B 57 21.95 -9.76 -5.53
C GLN B 57 22.09 -10.20 -6.99
N GLU B 58 22.37 -11.48 -7.19
CA GLU B 58 22.51 -12.03 -8.54
C GLU B 58 21.20 -11.99 -9.31
N LYS B 59 20.11 -12.33 -8.63
CA LYS B 59 18.79 -12.31 -9.24
C LYS B 59 18.35 -10.90 -9.59
N ASP B 60 18.59 -9.95 -8.68
CA ASP B 60 18.30 -8.55 -8.95
C ASP B 60 19.10 -8.05 -10.16
N ALA B 61 20.35 -8.51 -10.28
CA ALA B 61 21.22 -8.04 -11.37
C ALA B 61 20.77 -8.55 -12.74
N VAL B 62 20.19 -9.75 -12.77
CA VAL B 62 19.67 -10.26 -14.03
C VAL B 62 18.55 -9.36 -14.54
N TYR B 63 17.66 -8.97 -13.63
CA TYR B 63 16.51 -8.16 -14.04
C TYR B 63 16.97 -6.74 -14.40
N SER B 64 17.93 -6.22 -13.67
CA SER B 64 18.46 -4.89 -13.93
C SER B 64 19.15 -4.85 -15.29
N LYS B 65 19.92 -5.88 -15.59
CA LYS B 65 20.56 -5.99 -16.90
C LYS B 65 19.52 -6.08 -18.00
N ALA B 66 18.45 -6.84 -17.75
CA ALA B 66 17.40 -7.02 -18.74
C ALA B 66 16.72 -5.69 -19.03
N LEU B 67 16.45 -4.95 -17.95
CA LEU B 67 15.83 -3.65 -18.07
C LEU B 67 16.68 -2.71 -18.91
N THR B 68 17.97 -2.69 -18.61
CA THR B 68 18.89 -1.81 -19.32
C THR B 68 18.90 -2.15 -20.80
N GLU B 69 18.95 -3.44 -21.13
CA GLU B 69 19.00 -3.83 -22.53
C GLU B 69 17.67 -3.54 -23.24
N ALA B 70 16.56 -3.81 -22.55
CA ALA B 70 15.24 -3.57 -23.14
C ALA B 70 15.04 -2.11 -23.53
N THR B 71 15.61 -1.21 -22.75
CA THR B 71 15.28 0.21 -22.86
C THR B 71 16.39 1.07 -23.46
N ARG B 72 17.51 0.43 -23.82
CA ARG B 72 18.73 1.11 -24.28
C ARG B 72 18.53 2.13 -25.40
N LYS B 73 17.57 1.90 -26.28
CA LYS B 73 17.41 2.80 -27.40
C LYS B 73 16.04 3.48 -27.44
N ALA B 74 15.24 3.31 -26.39
CA ALA B 74 13.83 3.74 -26.45
C ALA B 74 13.56 5.23 -26.13
N ALA B 75 14.52 5.92 -25.54
CA ALA B 75 14.24 7.27 -25.04
C ALA B 75 13.97 8.29 -26.15
N PRO B 76 13.02 9.21 -25.90
CA PRO B 76 12.74 10.28 -26.87
C PRO B 76 13.81 11.35 -26.78
N ILE B 77 14.66 11.42 -27.79
CA ILE B 77 15.88 12.19 -27.70
C ILE B 77 15.64 13.70 -27.51
N ALA B 78 14.68 14.25 -28.25
CA ALA B 78 14.45 15.69 -28.19
C ALA B 78 14.02 16.10 -26.78
N ALA B 79 13.11 15.34 -26.18
CA ALA B 79 12.67 15.65 -24.83
C ALA B 79 13.85 15.59 -23.85
N CYS B 80 14.78 14.67 -24.08
CA CYS B 80 15.91 14.56 -23.18
C CYS B 80 16.81 15.79 -23.33
N ALA B 81 17.03 16.21 -24.57
CA ALA B 81 17.84 17.39 -24.81
C ALA B 81 17.25 18.60 -24.10
N LEU B 82 15.93 18.79 -24.24
CA LEU B 82 15.25 19.90 -23.59
C LEU B 82 15.44 19.87 -22.08
N THR B 83 15.27 18.69 -21.49
CA THR B 83 15.29 18.52 -20.05
C THR B 83 16.68 18.80 -19.47
N SER B 84 17.72 18.57 -20.28
CA SER B 84 19.10 18.74 -19.81
C SER B 84 19.80 19.98 -20.39
N SER B 85 19.07 20.79 -21.13
CA SER B 85 19.69 21.96 -21.77
C SER B 85 20.11 22.99 -20.69
N LYS B 86 21.16 23.76 -20.99
CA LYS B 86 21.64 24.72 -19.98
C LYS B 86 20.54 25.65 -19.51
N GLU B 87 19.71 26.10 -20.45
CA GLU B 87 18.69 27.07 -20.10
C GLU B 87 17.66 26.46 -19.14
N MET B 88 17.31 25.21 -19.40
CA MET B 88 16.30 24.54 -18.58
C MET B 88 16.88 24.17 -17.22
N VAL B 89 18.14 23.72 -17.20
CA VAL B 89 18.79 23.39 -15.93
C VAL B 89 18.81 24.61 -15.03
N LYS B 90 19.18 25.76 -15.61
CA LYS B 90 19.26 26.98 -14.83
C LYS B 90 17.90 27.42 -14.28
N LYS B 91 16.89 27.50 -15.16
CA LYS B 91 15.51 27.82 -14.75
C LYS B 91 14.95 26.81 -13.75
N GLY B 92 15.20 25.54 -14.02
CA GLY B 92 14.63 24.46 -13.21
C GLY B 92 15.17 24.50 -11.78
N LEU B 93 16.44 24.83 -11.63
CA LEU B 93 17.05 24.96 -10.30
C LEU B 93 16.56 26.23 -9.59
N GLN B 94 16.44 27.31 -10.36
CA GLN B 94 16.02 28.60 -9.78
C GLN B 94 14.63 28.55 -9.18
N TRP B 95 13.74 27.73 -9.74
CA TRP B 95 12.38 27.61 -9.21
C TRP B 95 12.36 27.32 -7.71
N PHE B 96 13.30 26.50 -7.24
CA PHE B 96 13.28 26.13 -5.82
C PHE B 96 13.62 27.31 -4.92
N GLU B 97 14.57 28.15 -5.33
CA GLU B 97 14.84 29.36 -4.59
C GLU B 97 13.63 30.29 -4.59
N ASP B 98 12.98 30.41 -5.76
CA ASP B 98 11.80 31.26 -5.86
C ASP B 98 10.69 30.79 -4.92
N GLN B 99 10.55 29.48 -4.77
CA GLN B 99 9.56 28.92 -3.85
C GLN B 99 9.94 29.13 -2.40
N ILE B 100 11.22 29.06 -2.10
CA ILE B 100 11.67 29.37 -0.75
C ILE B 100 11.37 30.85 -0.44
N ILE B 101 11.64 31.72 -1.41
CA ILE B 101 11.41 33.15 -1.20
C ILE B 101 9.93 33.46 -1.01
N SER B 102 9.07 32.76 -1.75
CA SER B 102 7.65 33.03 -1.68
C SER B 102 7.00 32.22 -0.55
N GLU B 103 7.83 31.40 0.10
CA GLU B 103 7.39 30.44 1.13
C GLU B 103 6.08 29.75 0.75
N ASP B 104 6.10 29.14 -0.42
CA ASP B 104 4.98 28.38 -0.92
C ASP B 104 4.70 27.15 -0.05
N GLY B 105 3.55 27.15 0.61
CA GLY B 105 3.17 26.04 1.47
C GLY B 105 3.11 24.69 0.78
N ASN B 106 2.76 24.69 -0.51
CA ASN B 106 2.63 23.42 -1.23
C ASN B 106 3.96 22.74 -1.38
N PHE B 107 5.02 23.55 -1.46
CA PHE B 107 6.38 23.05 -1.54
C PHE B 107 6.93 22.70 -0.16
N LEU B 108 6.79 23.62 0.79
CA LEU B 108 7.43 23.49 2.08
C LEU B 108 6.89 22.32 2.92
N VAL B 109 5.62 22.00 2.75
CA VAL B 109 4.98 21.03 3.65
C VAL B 109 5.65 19.67 3.53
N TRP B 110 6.26 19.37 2.38
CA TRP B 110 7.06 18.15 2.26
C TRP B 110 8.56 18.44 2.28
N HIS B 111 9.01 19.50 1.62
CA HIS B 111 10.44 19.82 1.58
C HIS B 111 11.03 19.92 2.99
N GLN B 112 10.34 20.65 3.87
CA GLN B 112 10.88 20.88 5.21
C GLN B 112 10.88 19.59 6.02
N ASN B 113 10.14 18.60 5.55
CA ASN B 113 9.97 17.36 6.29
C ASN B 113 10.66 16.19 5.62
N TYR B 114 11.63 16.49 4.76
CA TYR B 114 12.36 15.45 4.03
C TYR B 114 12.96 14.40 4.97
N GLU B 115 13.58 14.83 6.08
CA GLU B 115 14.20 13.87 6.98
C GLU B 115 13.18 12.90 7.57
N GLN B 116 12.03 13.42 7.98
CA GLN B 116 10.97 12.56 8.50
C GLN B 116 10.44 11.63 7.42
N LEU B 117 10.36 12.15 6.19
CA LEU B 117 9.83 11.35 5.08
C LEU B 117 10.82 10.29 4.58
N LYS B 118 12.06 10.33 5.09
CA LYS B 118 13.01 9.25 4.78
C LYS B 118 12.67 8.00 5.57
N LYS B 119 11.80 8.16 6.55
CA LYS B 119 11.48 7.06 7.48
C LYS B 119 9.98 6.77 7.56
N ALA B 120 9.14 7.75 7.24
CA ALA B 120 7.70 7.58 7.42
C ALA B 120 6.93 7.93 6.16
N PRO B 121 5.77 7.29 5.94
CA PRO B 121 4.92 7.68 4.81
C PRO B 121 4.35 9.09 4.99
N PRO B 122 3.95 9.72 3.88
CA PRO B 122 3.47 11.10 3.92
C PRO B 122 1.99 11.21 4.21
N SER B 123 1.58 12.42 4.56
CA SER B 123 0.17 12.76 4.73
C SER B 123 -0.43 13.08 3.36
N PHE B 124 -1.75 13.12 3.29
CA PHE B 124 -2.42 13.56 2.07
C PHE B 124 -1.94 14.94 1.67
N GLU B 125 -1.86 15.85 2.64
CA GLU B 125 -1.43 17.23 2.39
C GLU B 125 -0.05 17.26 1.73
N GLN B 126 0.85 16.40 2.21
CA GLN B 126 2.20 16.37 1.66
C GLN B 126 2.21 15.81 0.24
N LEU B 127 1.32 14.88 -0.06
CA LEU B 127 1.21 14.35 -1.42
C LEU B 127 0.62 15.38 -2.35
N MET B 128 -0.52 15.96 -1.97
CA MET B 128 -1.19 16.98 -2.77
C MET B 128 -0.26 18.18 -3.01
N GLY B 129 0.44 18.61 -1.97
CA GLY B 129 1.37 19.74 -2.07
C GLY B 129 2.43 19.46 -3.12
N TYR B 130 2.95 18.24 -3.12
CA TYR B 130 3.94 17.83 -4.11
C TYR B 130 3.34 17.86 -5.51
N GLN B 131 2.13 17.34 -5.67
CA GLN B 131 1.52 17.33 -7.00
C GLN B 131 1.31 18.74 -7.51
N MET B 132 0.86 19.63 -6.62
CA MET B 132 0.68 21.03 -6.98
C MET B 132 2.02 21.66 -7.37
N SER B 133 3.06 21.35 -6.59
CA SER B 133 4.40 21.86 -6.86
C SER B 133 4.91 21.44 -8.23
N ALA B 134 4.69 20.18 -8.61
CA ALA B 134 5.15 19.70 -9.91
C ALA B 134 4.51 20.47 -11.06
N LEU B 135 3.20 20.67 -10.97
CA LEU B 135 2.50 21.46 -11.99
C LEU B 135 3.02 22.88 -12.02
N ASN B 136 3.19 23.46 -10.83
CA ASN B 136 3.75 24.81 -10.68
C ASN B 136 5.14 24.92 -11.35
N TRP B 137 6.02 23.98 -11.03
CA TRP B 137 7.36 23.98 -11.62
C TRP B 137 7.31 23.93 -13.15
N ARG B 138 6.53 23.00 -13.69
CA ARG B 138 6.43 22.84 -15.15
C ARG B 138 5.93 24.12 -15.80
N GLN B 139 4.93 24.75 -15.20
CA GLN B 139 4.40 26.00 -15.74
C GLN B 139 5.46 27.10 -15.69
N SER B 140 6.10 27.23 -14.53
CA SER B 140 7.08 28.29 -14.31
C SER B 140 8.25 28.24 -15.27
N VAL B 141 8.71 27.03 -15.60
CA VAL B 141 9.90 26.93 -16.43
C VAL B 141 9.58 26.66 -17.90
N GLY B 142 8.29 26.60 -18.23
CA GLY B 142 7.87 26.39 -19.60
C GLY B 142 8.24 24.99 -20.07
N TYR B 143 8.16 24.02 -19.16
CA TYR B 143 8.61 22.67 -19.47
C TYR B 143 7.74 21.99 -20.53
N GLY B 144 6.48 22.40 -20.62
CA GLY B 144 5.53 21.75 -21.52
C GLY B 144 5.56 22.24 -22.95
N GLN B 145 6.76 22.45 -23.50
CA GLN B 145 6.82 23.01 -24.85
C GLN B 145 6.77 21.94 -25.92
N LEU B 146 6.76 20.67 -25.51
CA LEU B 146 6.68 19.55 -26.45
C LEU B 146 5.51 18.65 -26.07
N GLU B 147 4.95 17.95 -27.06
CA GLU B 147 3.96 16.91 -26.72
C GLU B 147 4.55 15.92 -25.73
N GLU B 148 5.82 15.60 -25.94
CA GLU B 148 6.58 14.68 -25.10
C GLU B 148 6.59 15.08 -23.63
N THR B 149 6.44 16.38 -23.37
CA THR B 149 6.62 16.88 -22.00
C THR B 149 5.33 17.46 -21.46
N ALA B 150 4.22 17.06 -22.05
CA ALA B 150 2.92 17.63 -21.71
C ALA B 150 2.36 17.20 -20.37
N VAL B 151 1.53 18.06 -19.80
CA VAL B 151 0.69 17.69 -18.67
C VAL B 151 -0.57 17.00 -19.20
N LEU B 152 -0.86 15.79 -18.71
CA LEU B 152 -2.04 15.07 -19.19
C LEU B 152 -3.25 15.37 -18.33
N VAL B 153 -4.36 15.72 -18.98
CA VAL B 153 -5.63 15.86 -18.29
C VAL B 153 -6.59 14.95 -19.02
N SER B 154 -6.89 13.79 -18.44
CA SER B 154 -7.54 12.74 -19.17
C SER B 154 -8.05 11.63 -18.27
N GLN B 155 -8.27 10.46 -18.85
CA GLN B 155 -8.70 9.30 -18.09
C GLN B 155 -7.80 8.11 -18.44
N VAL B 156 -7.69 7.20 -17.48
CA VAL B 156 -6.91 5.98 -17.61
C VAL B 156 -7.34 5.17 -18.84
N ILE B 157 -6.42 4.35 -19.36
CA ILE B 157 -6.74 3.43 -20.46
C ILE B 157 -7.78 2.40 -20.05
N ALA B 158 -8.96 2.51 -20.66
CA ALA B 158 -10.12 1.71 -20.24
C ALA B 158 -10.06 0.28 -20.74
N GLN B 159 -9.45 0.08 -21.90
CA GLN B 159 -9.11 -1.26 -22.33
C GLN B 159 -7.82 -1.25 -23.15
N PHE B 160 -6.99 -2.25 -22.90
CA PHE B 160 -5.62 -2.32 -23.40
C PHE B 160 -5.47 -3.52 -24.32
N SER B 161 -5.32 -3.26 -25.61
CA SER B 161 -5.36 -4.29 -26.62
C SER B 161 -3.97 -4.86 -26.97
N VAL B 162 -3.82 -6.17 -26.84
CA VAL B 162 -2.52 -6.83 -26.98
C VAL B 162 -2.61 -8.05 -27.90
N PRO B 163 -1.46 -8.54 -28.40
CA PRO B 163 -1.48 -9.81 -29.12
C PRO B 163 -2.09 -10.94 -28.28
N GLY B 164 -2.85 -11.82 -28.91
CA GLY B 164 -3.55 -12.88 -28.19
C GLY B 164 -2.68 -13.70 -27.27
N THR B 165 -1.46 -13.97 -27.69
CA THR B 165 -0.50 -14.77 -26.92
C THR B 165 -0.06 -14.10 -25.61
N LEU B 166 -0.31 -12.81 -25.48
CA LEU B 166 0.15 -12.07 -24.31
C LEU B 166 -0.95 -11.79 -23.31
N VAL B 167 -2.20 -12.09 -23.69
CA VAL B 167 -3.36 -11.69 -22.90
C VAL B 167 -3.33 -12.18 -21.44
N VAL B 168 -3.05 -13.47 -21.23
CA VAL B 168 -3.10 -14.03 -19.88
C VAL B 168 -2.03 -13.43 -18.97
N THR B 169 -0.82 -13.34 -19.50
CA THR B 169 0.30 -12.78 -18.73
C THR B 169 0.02 -11.32 -18.38
N VAL B 170 -0.50 -10.55 -19.33
CA VAL B 170 -0.87 -9.17 -19.04
C VAL B 170 -1.96 -9.13 -17.97
N GLN B 171 -2.90 -10.08 -18.03
CA GLN B 171 -3.92 -10.16 -16.98
C GLN B 171 -3.30 -10.49 -15.62
N GLU B 172 -2.29 -11.35 -15.63
CA GLU B 172 -1.57 -11.69 -14.40
C GLU B 172 -0.89 -10.46 -13.81
N MET B 173 -0.45 -9.54 -14.68
CA MET B 173 0.19 -8.33 -14.21
C MET B 173 -0.84 -7.45 -13.51
N ILE B 174 -2.03 -7.40 -14.08
CA ILE B 174 -3.10 -6.63 -13.45
C ILE B 174 -3.33 -7.17 -12.04
N LYS B 175 -3.47 -8.49 -11.95
CA LYS B 175 -3.66 -9.16 -10.67
C LYS B 175 -2.52 -8.85 -9.70
N ASP B 176 -1.29 -8.85 -10.23
CA ASP B 176 -0.11 -8.55 -9.44
C ASP B 176 -0.15 -7.13 -8.88
N MET B 177 -0.65 -6.19 -9.67
CA MET B 177 -0.72 -4.80 -9.20
C MET B 177 -1.74 -4.68 -8.08
N ILE B 178 -2.81 -5.45 -8.20
CA ILE B 178 -3.87 -5.46 -7.20
C ILE B 178 -3.34 -6.01 -5.88
N ALA B 179 -2.66 -7.16 -5.93
CA ALA B 179 -2.17 -7.80 -4.72
C ALA B 179 -1.17 -6.89 -4.01
N ARG B 180 -0.38 -6.15 -4.80
CA ARG B 180 0.59 -5.22 -4.24
C ARG B 180 -0.09 -3.95 -3.70
N ARG B 181 -1.42 -3.93 -3.78
CA ARG B 181 -2.28 -2.84 -3.29
C ARG B 181 -2.17 -1.60 -4.18
N LYS B 293 -11.19 13.18 -8.44
CA LYS B 293 -9.99 12.67 -7.79
C LYS B 293 -8.92 12.28 -8.82
N ASN B 294 -7.66 12.30 -8.40
CA ASN B 294 -6.52 12.18 -9.29
C ASN B 294 -5.49 11.15 -8.79
N GLN B 295 -4.31 11.10 -9.42
CA GLN B 295 -3.28 10.11 -9.07
C GLN B 295 -2.33 10.63 -7.97
N ILE B 296 -2.81 10.59 -6.73
CA ILE B 296 -2.21 11.37 -5.64
C ILE B 296 -0.73 11.07 -5.31
N ALA B 297 -0.28 9.85 -5.55
CA ALA B 297 1.08 9.46 -5.14
C ALA B 297 2.02 9.28 -6.34
N GLN B 298 1.54 9.66 -7.51
CA GLN B 298 2.31 9.47 -8.74
C GLN B 298 3.59 10.30 -8.73
N ILE B 299 4.71 9.68 -9.08
CA ILE B 299 5.98 10.39 -9.14
C ILE B 299 6.07 11.14 -10.45
N ASP B 300 6.28 12.45 -10.36
CA ASP B 300 6.66 13.26 -11.50
C ASP B 300 8.18 13.13 -11.63
N SER B 301 8.60 12.26 -12.55
CA SER B 301 10.00 11.93 -12.72
C SER B 301 10.86 13.18 -12.93
N VAL B 302 10.37 14.10 -13.74
CA VAL B 302 11.14 15.31 -14.03
C VAL B 302 11.21 16.24 -12.83
N PHE B 303 10.06 16.52 -12.22
CA PHE B 303 10.05 17.43 -11.09
C PHE B 303 10.86 16.85 -9.92
N SER B 304 10.64 15.59 -9.56
CA SER B 304 11.44 15.01 -8.47
C SER B 304 12.94 15.04 -8.77
N SER B 305 13.30 14.72 -10.01
CA SER B 305 14.71 14.75 -10.40
C SER B 305 15.32 16.15 -10.26
N TYR B 306 14.57 17.19 -10.61
CA TYR B 306 15.07 18.55 -10.39
C TYR B 306 15.19 18.88 -8.89
N TYR B 307 14.22 18.41 -8.11
CA TYR B 307 14.27 18.65 -6.66
C TYR B 307 15.52 17.98 -6.08
N TRP B 308 15.81 16.76 -6.51
CA TRP B 308 17.00 16.05 -6.02
C TRP B 308 18.30 16.76 -6.44
N MET B 309 18.33 17.24 -7.67
CA MET B 309 19.47 18.03 -8.14
C MET B 309 19.70 19.26 -7.25
N TRP B 310 18.63 19.99 -6.98
CA TRP B 310 18.72 21.17 -6.13
C TRP B 310 19.15 20.83 -4.70
N ARG B 311 18.53 19.80 -4.13
CA ARG B 311 18.91 19.37 -2.78
C ARG B 311 20.35 18.90 -2.70
N ALA B 312 20.85 18.36 -3.81
CA ALA B 312 22.22 17.85 -3.82
C ALA B 312 23.23 18.96 -4.05
N GLY B 313 22.75 20.20 -4.20
CA GLY B 313 23.64 21.33 -4.38
C GLY B 313 24.27 21.37 -5.74
N ILE B 314 23.69 20.63 -6.68
CA ILE B 314 24.13 20.69 -8.07
C ILE B 314 23.82 22.04 -8.69
N THR B 315 24.75 22.56 -9.49
CA THR B 315 24.65 23.87 -10.08
C THR B 315 24.73 23.74 -11.60
N PRO B 316 24.42 24.82 -12.34
CA PRO B 316 24.71 24.79 -13.77
C PRO B 316 26.13 24.34 -14.09
N GLU B 317 27.08 24.69 -13.23
CA GLU B 317 28.49 24.35 -13.48
C GLU B 317 28.84 22.90 -13.16
N SER B 318 28.23 22.32 -12.13
CA SER B 318 28.56 20.94 -11.77
C SER B 318 27.61 19.93 -12.42
N PHE B 319 26.56 20.43 -13.04
CA PHE B 319 25.58 19.55 -13.68
C PHE B 319 26.19 18.49 -14.62
N PRO B 320 27.19 18.86 -15.45
CA PRO B 320 27.72 17.83 -16.34
C PRO B 320 28.32 16.61 -15.63
N LEU B 321 28.83 16.80 -14.41
CA LEU B 321 29.35 15.69 -13.62
C LEU B 321 28.22 14.70 -13.34
N LEU B 322 27.07 15.24 -12.96
CA LEU B 322 25.89 14.42 -12.67
C LEU B 322 25.36 13.75 -13.93
N SER B 323 25.23 14.53 -15.00
CA SER B 323 24.73 13.99 -16.28
C SER B 323 25.65 12.88 -16.81
N ASP B 324 26.95 13.12 -16.79
CA ASP B 324 27.90 12.12 -17.31
C ASP B 324 27.80 10.81 -16.51
N PHE B 325 27.73 10.93 -15.19
CA PHE B 325 27.64 9.76 -14.33
C PHE B 325 26.36 8.98 -14.60
N LEU B 326 25.25 9.70 -14.76
CA LEU B 326 23.98 9.05 -15.01
C LEU B 326 24.01 8.32 -16.35
N PHE B 327 24.66 8.93 -17.35
CA PHE B 327 24.83 8.27 -18.65
C PHE B 327 25.57 6.94 -18.50
N GLU B 328 26.59 6.91 -17.66
CA GLU B 328 27.30 5.66 -17.39
C GLU B 328 26.38 4.61 -16.80
N LEU B 329 25.52 5.01 -15.86
CA LEU B 329 24.54 4.09 -15.30
C LEU B 329 23.63 3.52 -16.36
N GLY B 330 23.35 4.34 -17.37
CA GLY B 330 22.50 3.95 -18.48
C GLY B 330 23.18 2.95 -19.40
N GLN B 331 24.50 2.88 -19.33
CA GLN B 331 25.26 1.94 -20.17
C GLN B 331 25.34 0.55 -19.55
N ASN B 332 25.47 0.52 -18.23
CA ASN B 332 25.57 -0.72 -17.49
C ASN B 332 24.90 -0.59 -16.13
N ALA B 333 23.94 -1.47 -15.86
CA ALA B 333 23.26 -1.54 -14.57
C ALA B 333 24.28 -1.78 -13.48
N ARG B 334 24.10 -1.16 -12.32
CA ARG B 334 25.09 -1.28 -11.26
C ARG B 334 24.69 -2.21 -10.13
N GLY B 335 23.78 -1.72 -9.29
CA GLY B 335 23.49 -2.36 -8.02
C GLY B 335 23.68 -1.31 -6.94
N SER B 336 22.82 -1.35 -5.92
CA SER B 336 22.76 -0.32 -4.89
C SER B 336 24.10 -0.08 -4.20
N ALA B 337 24.70 -1.16 -3.68
CA ALA B 337 25.97 -1.05 -2.98
C ALA B 337 27.05 -0.47 -3.86
N LYS B 338 27.09 -0.95 -5.11
CA LYS B 338 28.08 -0.49 -6.07
C LYS B 338 27.94 0.99 -6.41
N ILE B 339 26.69 1.44 -6.53
CA ILE B 339 26.43 2.85 -6.80
C ILE B 339 26.96 3.73 -5.67
N ILE B 340 26.68 3.31 -4.43
CA ILE B 340 27.10 4.08 -3.27
C ILE B 340 28.63 4.17 -3.23
N LYS B 341 29.29 3.03 -3.37
CA LYS B 341 30.74 2.99 -3.37
C LYS B 341 31.34 3.84 -4.50
N THR B 342 30.70 3.82 -5.66
CA THR B 342 31.13 4.66 -6.78
C THR B 342 31.00 6.15 -6.48
N LEU B 343 29.92 6.54 -5.81
CA LEU B 343 29.70 7.97 -5.55
C LEU B 343 30.40 8.41 -4.27
N ASP B 344 30.79 7.45 -3.44
CA ASP B 344 31.35 7.79 -2.14
C ASP B 344 32.89 7.79 -2.15
N ARG B 345 33.48 7.85 -3.34
CA ARG B 345 34.94 7.84 -3.46
C ARG B 345 35.54 9.23 -3.25
N ILE B 346 36.76 9.25 -2.71
CA ILE B 346 37.46 10.49 -2.38
C ILE B 346 37.64 11.39 -3.60
N GLY B 347 37.58 10.77 -4.78
CA GLY B 347 37.73 11.51 -6.02
C GLY B 347 36.63 12.52 -6.29
N LEU B 348 35.41 12.17 -5.93
CA LEU B 348 34.25 12.97 -6.33
C LEU B 348 33.78 13.97 -5.28
N LYS B 349 33.89 15.25 -5.61
CA LYS B 349 33.44 16.33 -4.73
C LYS B 349 31.92 16.56 -4.85
N TRP B 350 31.38 16.29 -6.03
CA TRP B 350 30.02 16.71 -6.32
C TRP B 350 28.94 15.81 -5.75
N SER B 351 29.27 14.56 -5.43
CA SER B 351 28.25 13.54 -5.23
C SER B 351 27.83 13.27 -3.79
N LYS B 352 28.64 13.69 -2.82
CA LYS B 352 28.31 13.40 -1.43
C LYS B 352 26.93 13.90 -0.99
N PRO B 353 26.55 15.15 -1.32
CA PRO B 353 25.20 15.56 -0.89
C PRO B 353 24.06 14.77 -1.57
N LEU B 354 24.32 14.21 -2.76
CA LEU B 354 23.32 13.39 -3.44
C LEU B 354 23.13 12.08 -2.69
N VAL B 355 24.25 11.45 -2.34
CA VAL B 355 24.20 10.21 -1.58
C VAL B 355 23.51 10.41 -0.23
N ASN B 356 23.78 11.56 0.40
CA ASN B 356 23.17 11.86 1.69
C ASN B 356 21.65 11.82 1.65
N LEU B 357 21.07 12.05 0.48
CA LEU B 357 19.62 12.05 0.32
C LEU B 357 19.00 10.66 0.30
N PHE B 358 19.81 9.64 0.02
CA PHE B 358 19.32 8.26 -0.15
C PHE B 358 18.56 7.72 1.07
N ALA B 359 17.38 7.14 0.82
CA ALA B 359 16.57 6.54 1.87
C ALA B 359 16.61 5.02 1.84
N ASP B 360 17.59 4.44 1.15
CA ASP B 360 17.70 2.98 1.01
C ASP B 360 17.64 2.25 2.35
N SER B 361 18.37 2.79 3.32
CA SER B 361 18.56 2.14 4.61
C SER B 361 17.61 2.64 5.68
N THR B 362 16.92 3.74 5.40
CA THR B 362 16.13 4.40 6.42
C THR B 362 14.65 4.11 6.31
N PHE B 363 14.17 3.92 5.08
CA PHE B 363 12.74 3.69 4.86
C PHE B 363 12.48 2.20 4.86
N LYS B 364 11.79 1.74 5.89
CA LYS B 364 11.67 0.31 6.17
C LYS B 364 10.43 -0.31 5.54
N MET B 365 9.40 0.49 5.35
CA MET B 365 8.18 0.00 4.71
C MET B 365 8.38 -0.14 3.20
N GLY B 366 7.33 -0.60 2.53
CA GLY B 366 7.35 -0.75 1.08
C GLY B 366 7.44 0.61 0.42
N ARG B 367 8.22 0.69 -0.65
CA ARG B 367 8.49 1.98 -1.28
C ARG B 367 7.25 2.59 -1.92
N ILE B 368 6.18 1.81 -2.10
CA ILE B 368 4.97 2.43 -2.63
C ILE B 368 4.38 3.42 -1.63
N HIS B 369 4.89 3.41 -0.40
CA HIS B 369 4.41 4.34 0.62
C HIS B 369 5.38 5.50 0.81
N MET B 370 6.51 5.48 0.12
CA MET B 370 7.48 6.55 0.25
C MET B 370 6.99 7.78 -0.54
N HIS B 371 7.17 8.98 0.02
CA HIS B 371 6.77 10.20 -0.67
C HIS B 371 7.54 10.32 -1.99
N PRO B 372 6.88 10.80 -3.06
CA PRO B 372 7.53 10.80 -4.37
C PRO B 372 8.75 11.73 -4.50
N ALA B 373 9.00 12.56 -3.49
CA ALA B 373 10.18 13.43 -3.53
C ALA B 373 11.34 12.87 -2.70
N ILE B 374 11.24 11.61 -2.27
CA ILE B 374 12.33 11.00 -1.51
C ILE B 374 13.21 10.14 -2.42
N LEU B 375 14.52 10.39 -2.37
CA LEU B 375 15.46 9.71 -3.26
C LEU B 375 15.97 8.39 -2.67
N THR B 376 16.29 7.43 -3.56
CA THR B 376 17.02 6.21 -3.23
C THR B 376 17.98 5.92 -4.37
N THR B 377 18.85 4.92 -4.22
CA THR B 377 19.72 4.54 -5.34
C THR B 377 18.88 4.07 -6.52
N GLY B 378 17.80 3.35 -6.23
CA GLY B 378 16.91 2.87 -7.27
C GLY B 378 16.28 4.01 -8.03
N ARG B 379 16.03 5.12 -7.34
CA ARG B 379 15.35 6.25 -7.97
C ARG B 379 16.34 7.11 -8.75
N LEU B 380 17.62 6.73 -8.74
CA LEU B 380 18.53 7.31 -9.73
C LEU B 380 18.06 6.97 -11.14
N ASN B 381 17.27 5.90 -11.27
CA ASN B 381 16.70 5.56 -12.57
C ASN B 381 15.70 6.60 -13.04
N GLU B 382 15.14 7.36 -12.09
CA GLU B 382 14.28 8.49 -12.41
C GLU B 382 15.14 9.65 -12.96
N MET B 383 16.23 9.96 -12.27
CA MET B 383 17.12 11.01 -12.73
C MET B 383 17.77 10.66 -14.07
N GLY B 384 18.01 9.37 -14.33
CA GLY B 384 18.64 8.96 -15.57
C GLY B 384 17.82 9.38 -16.78
N LEU B 385 16.50 9.32 -16.62
CA LEU B 385 15.59 9.74 -17.67
C LEU B 385 15.84 11.18 -18.10
N CYS B 386 16.10 12.00 -17.09
CA CYS B 386 16.14 13.44 -17.27
C CYS B 386 17.49 13.91 -17.76
N PHE B 387 18.55 13.31 -17.21
CA PHE B 387 19.89 13.85 -17.37
C PHE B 387 20.89 12.84 -17.86
N GLY B 388 20.46 11.59 -18.05
CA GLY B 388 21.38 10.52 -18.38
C GLY B 388 21.24 9.83 -19.73
N ILE B 389 20.30 10.28 -20.57
CA ILE B 389 20.19 9.73 -21.91
C ILE B 389 21.24 10.36 -22.83
N ILE B 390 21.50 11.65 -22.59
CA ILE B 390 22.54 12.43 -23.28
C ILE B 390 23.55 12.93 -22.27
N PRO B 391 24.81 12.47 -22.36
CA PRO B 391 25.81 12.92 -21.40
C PRO B 391 26.24 14.35 -21.75
N ALA B 392 26.00 15.29 -20.84
CA ALA B 392 26.09 16.71 -21.16
C ALA B 392 27.46 17.17 -21.62
N SER B 393 28.53 16.55 -21.13
CA SER B 393 29.86 17.03 -21.51
C SER B 393 30.35 16.43 -22.82
N HIS B 394 29.67 15.37 -23.28
CA HIS B 394 29.97 14.76 -24.56
C HIS B 394 28.72 14.18 -25.24
N PRO B 395 27.78 15.06 -25.63
CA PRO B 395 26.46 14.61 -26.10
C PRO B 395 26.49 13.68 -27.31
N GLU B 396 27.54 13.73 -28.12
CA GLU B 396 27.63 12.84 -29.28
C GLU B 396 27.60 11.36 -28.91
N SER B 397 28.00 11.02 -27.69
CA SER B 397 28.02 9.64 -27.25
C SER B 397 26.61 9.07 -27.09
N ALA B 398 25.60 9.93 -27.18
CA ALA B 398 24.22 9.50 -26.95
C ALA B 398 23.75 8.49 -28.00
N VAL B 399 24.44 8.46 -29.14
CA VAL B 399 24.09 7.56 -30.23
C VAL B 399 24.25 6.10 -29.79
N ASN B 400 25.02 5.88 -28.74
CA ASN B 400 25.23 4.55 -28.20
C ASN B 400 24.03 4.04 -27.37
N GLY B 401 23.10 4.93 -27.06
CA GLY B 401 21.94 4.56 -26.29
C GLY B 401 22.18 4.72 -24.80
N SER B 402 21.12 4.53 -24.01
CA SER B 402 21.19 4.68 -22.57
C SER B 402 19.92 4.07 -22.03
N GLY B 403 20.05 3.04 -21.21
CA GLY B 403 18.87 2.29 -20.78
C GLY B 403 18.39 2.60 -19.37
N PHE B 404 17.26 3.30 -19.29
CA PHE B 404 16.56 3.48 -18.01
C PHE B 404 15.12 3.02 -18.13
N ALA B 405 14.63 2.36 -17.08
CA ALA B 405 13.33 1.70 -17.10
C ALA B 405 12.21 2.47 -17.81
N LYS B 406 12.00 3.73 -17.45
CA LYS B 406 10.83 4.41 -17.99
C LYS B 406 11.01 4.94 -19.41
N ASN B 407 12.17 4.69 -20.03
CA ASN B 407 12.24 4.80 -21.50
C ASN B 407 11.14 3.97 -22.14
N ILE B 408 10.73 2.89 -21.49
CA ILE B 408 9.73 2.00 -22.07
C ILE B 408 8.38 2.70 -22.26
N LEU B 409 8.16 3.83 -21.57
CA LEU B 409 6.89 4.53 -21.75
C LEU B 409 6.79 5.14 -23.15
N ASN B 410 7.93 5.34 -23.81
CA ASN B 410 7.95 5.90 -25.16
C ASN B 410 7.77 4.81 -26.22
N VAL B 411 7.65 3.56 -25.80
CA VAL B 411 7.45 2.48 -26.77
C VAL B 411 5.97 2.39 -27.13
N ARG B 412 5.68 2.21 -28.42
CA ARG B 412 4.30 2.31 -28.90
C ARG B 412 3.42 1.18 -28.42
N THR B 413 2.14 1.47 -28.21
CA THR B 413 1.17 0.45 -27.85
C THR B 413 0.22 0.14 -29.01
N ASP B 414 0.32 0.91 -30.08
CA ASP B 414 -0.46 0.59 -31.29
C ASP B 414 0.32 -0.39 -32.17
N GLY B 415 -0.18 -0.63 -33.38
CA GLY B 415 0.41 -1.64 -34.24
C GLY B 415 0.39 -2.98 -33.54
N MET B 416 1.52 -3.66 -33.55
CA MET B 416 1.63 -4.97 -32.90
C MET B 416 1.88 -4.85 -31.39
N ASN B 417 1.84 -3.61 -30.89
CA ASN B 417 2.07 -3.31 -29.48
C ASN B 417 3.44 -3.78 -28.97
N PRO B 418 4.53 -3.18 -29.48
CA PRO B 418 5.87 -3.55 -29.00
C PRO B 418 6.04 -3.25 -27.51
N SER B 419 5.22 -2.34 -26.98
CA SER B 419 5.28 -2.01 -25.55
C SER B 419 4.84 -3.22 -24.72
N ALA B 420 3.70 -3.78 -25.08
CA ALA B 420 3.22 -5.00 -24.43
C ALA B 420 4.24 -6.14 -24.58
N GLN B 421 4.79 -6.29 -25.78
CA GLN B 421 5.78 -7.34 -26.02
C GLN B 421 6.95 -7.22 -25.05
N LEU B 422 7.45 -6.01 -24.85
CA LEU B 422 8.59 -5.79 -23.97
C LEU B 422 8.26 -5.93 -22.49
N ILE B 423 7.15 -5.33 -22.08
CA ILE B 423 6.72 -5.37 -20.69
C ILE B 423 6.51 -6.81 -20.25
N VAL B 424 5.87 -7.62 -21.09
CA VAL B 424 5.67 -9.03 -20.76
C VAL B 424 7.01 -9.78 -20.62
N GLN B 425 7.97 -9.52 -21.51
CA GLN B 425 9.27 -10.15 -21.39
C GLN B 425 9.94 -9.77 -20.05
N LEU B 426 9.83 -8.50 -19.67
CA LEU B 426 10.42 -8.00 -18.43
C LEU B 426 9.74 -8.60 -17.20
N PHE B 427 8.41 -8.69 -17.27
CA PHE B 427 7.62 -9.27 -16.18
C PHE B 427 8.01 -10.75 -15.96
N ASP B 428 8.14 -11.50 -17.05
CA ASP B 428 8.55 -12.90 -16.95
C ASP B 428 9.95 -13.05 -16.38
N ILE B 429 10.87 -12.19 -16.81
CA ILE B 429 12.23 -12.21 -16.28
C ILE B 429 12.24 -11.83 -14.79
N GLN B 430 11.44 -10.84 -14.43
CA GLN B 430 11.35 -10.44 -13.02
C GLN B 430 10.88 -11.61 -12.17
N ARG B 431 9.85 -12.32 -12.66
CA ARG B 431 9.33 -13.47 -11.94
C ARG B 431 10.36 -14.59 -11.83
N GLN B 432 11.07 -14.86 -12.93
CA GLN B 432 12.12 -15.87 -12.93
C GLN B 432 13.30 -15.45 -12.06
N SER B 433 13.40 -14.16 -11.78
CA SER B 433 14.46 -13.60 -10.94
C SER B 433 13.90 -13.11 -9.62
N ARG B 434 12.91 -13.82 -9.10
CA ARG B 434 12.13 -13.33 -7.97
C ARG B 434 12.97 -13.14 -6.70
N THR B 435 13.11 -11.89 -6.25
CA THR B 435 13.70 -11.64 -4.93
C THR B 435 12.68 -11.03 -3.98
N LEU B 436 13.13 -10.76 -2.76
CA LEU B 436 12.31 -10.04 -1.80
C LEU B 436 12.59 -8.54 -1.89
N SER B 437 13.41 -8.16 -2.86
CA SER B 437 13.81 -6.77 -3.02
C SER B 437 12.63 -5.90 -3.40
N ASP B 438 12.65 -4.66 -2.93
CA ASP B 438 11.62 -3.71 -3.32
C ASP B 438 12.10 -2.99 -4.56
N LEU B 439 11.54 -3.35 -5.71
CA LEU B 439 12.04 -2.80 -6.97
C LEU B 439 11.51 -1.41 -7.25
N ASP B 440 10.45 -1.01 -6.54
CA ASP B 440 10.01 0.39 -6.55
C ASP B 440 9.76 0.87 -7.98
N VAL B 441 10.51 1.88 -8.43
CA VAL B 441 10.21 2.54 -9.69
C VAL B 441 10.75 1.84 -10.93
N VAL B 442 11.37 0.67 -10.77
CA VAL B 442 11.78 -0.12 -11.94
C VAL B 442 11.09 -1.48 -12.03
N SER B 443 10.16 -1.74 -11.11
CA SER B 443 9.43 -3.00 -11.15
C SER B 443 8.54 -2.99 -12.40
N SER B 444 8.44 -4.15 -13.03
CA SER B 444 7.72 -4.25 -14.29
C SER B 444 6.26 -3.82 -14.13
N GLU B 445 5.65 -4.10 -12.97
CA GLU B 445 4.25 -3.75 -12.82
C GLU B 445 4.11 -2.23 -12.55
N HIS B 446 5.15 -1.61 -12.01
CA HIS B 446 5.15 -0.15 -11.87
C HIS B 446 5.19 0.52 -13.25
N LEU B 447 6.00 -0.05 -14.14
CA LEU B 447 6.11 0.50 -15.49
C LEU B 447 4.79 0.33 -16.23
N PHE B 448 4.18 -0.84 -16.07
CA PHE B 448 2.91 -1.11 -16.73
C PHE B 448 1.82 -0.16 -16.24
N HIS B 449 1.82 0.10 -14.93
CA HIS B 449 0.91 1.08 -14.36
C HIS B 449 1.05 2.43 -15.08
N GLN B 450 2.28 2.87 -15.28
CA GLN B 450 2.52 4.15 -15.97
C GLN B 450 1.96 4.13 -17.39
N ILE B 451 2.08 2.99 -18.06
CA ILE B 451 1.53 2.85 -19.41
C ILE B 451 0.00 2.97 -19.38
N LEU B 452 -0.62 2.33 -18.39
CA LEU B 452 -2.08 2.35 -18.26
C LEU B 452 -2.67 3.72 -17.93
N VAL B 453 -1.94 4.56 -17.20
CA VAL B 453 -2.44 5.91 -16.92
C VAL B 453 -2.21 6.85 -18.10
N GLY B 454 -1.58 6.33 -19.16
CA GLY B 454 -1.52 7.07 -20.41
C GLY B 454 -0.23 7.81 -20.72
N LYS B 455 0.81 7.59 -19.92
CA LYS B 455 2.08 8.25 -20.21
C LYS B 455 2.69 7.69 -21.47
N ARG B 456 2.90 8.57 -22.44
CA ARG B 456 3.48 8.19 -23.72
C ARG B 456 4.97 8.54 -23.79
N THR B 457 5.46 9.18 -22.74
CA THR B 457 6.89 9.30 -22.44
C THR B 457 7.01 9.43 -20.93
N ALA B 458 8.23 9.25 -20.42
CA ALA B 458 8.50 9.47 -19.00
C ALA B 458 8.36 10.92 -18.57
N TYR B 459 8.25 11.85 -19.53
CA TYR B 459 8.37 13.28 -19.21
C TYR B 459 7.01 13.95 -19.11
N GLN B 460 5.95 13.18 -19.34
CA GLN B 460 4.60 13.70 -19.18
C GLN B 460 4.14 13.56 -17.74
N ASN B 461 3.36 14.53 -17.28
CA ASN B 461 2.78 14.51 -15.95
C ASN B 461 1.37 13.94 -16.06
N ALA B 462 1.07 12.94 -15.24
CA ALA B 462 -0.22 12.26 -15.30
C ALA B 462 -1.00 12.33 -13.99
N PHE B 463 -0.77 13.40 -13.23
CA PHE B 463 -1.51 13.59 -11.98
C PHE B 463 -3.01 13.70 -12.25
N GLN B 464 -3.38 14.51 -13.24
CA GLN B 464 -4.78 14.82 -13.52
C GLN B 464 -5.43 13.79 -14.46
N VAL B 465 -5.03 12.53 -14.29
CA VAL B 465 -5.66 11.43 -15.00
C VAL B 465 -6.62 10.71 -14.05
N LYS B 466 -7.88 10.63 -14.43
CA LYS B 466 -8.89 10.06 -13.55
C LYS B 466 -9.13 8.59 -13.87
N GLY B 467 -9.57 7.81 -12.88
CA GLY B 467 -9.80 6.40 -13.09
C GLY B 467 -8.78 5.55 -12.36
N ASN B 468 -8.96 4.23 -12.43
CA ASN B 468 -8.03 3.29 -11.81
C ASN B 468 -7.39 2.41 -12.87
N ALA B 469 -6.07 2.36 -12.89
CA ALA B 469 -5.36 1.54 -13.87
C ALA B 469 -5.76 0.07 -13.75
N THR B 470 -5.92 -0.40 -12.51
CA THR B 470 -6.23 -1.82 -12.29
C THR B 470 -7.60 -2.20 -12.84
N ASP B 471 -8.44 -1.20 -13.12
CA ASP B 471 -9.77 -1.48 -13.63
C ASP B 471 -9.77 -1.73 -15.12
N THR B 472 -8.62 -1.60 -15.76
CA THR B 472 -8.53 -1.75 -17.21
C THR B 472 -8.81 -3.19 -17.63
N LYS B 473 -9.32 -3.35 -18.84
CA LYS B 473 -9.61 -4.69 -19.36
C LYS B 473 -8.68 -5.04 -20.51
N ILE B 474 -8.12 -6.25 -20.45
CA ILE B 474 -7.15 -6.71 -21.41
C ILE B 474 -7.82 -7.46 -22.54
N VAL B 475 -7.55 -7.03 -23.77
CA VAL B 475 -8.18 -7.60 -24.95
C VAL B 475 -7.12 -8.12 -25.93
N GLY B 476 -7.37 -9.28 -26.51
CA GLY B 476 -6.45 -9.81 -27.49
C GLY B 476 -6.86 -9.42 -28.89
N PHE B 477 -5.87 -9.27 -29.77
CA PHE B 477 -6.17 -9.12 -31.19
C PHE B 477 -5.48 -10.23 -31.98
#